data_3FIG
#
_entry.id   3FIG
#
_cell.length_a   54.207
_cell.length_b   154.258
_cell.length_c   68.669
_cell.angle_alpha   90.000
_cell.angle_beta   97.990
_cell.angle_gamma   90.000
#
_symmetry.space_group_name_H-M   'P 1 21 1'
#
loop_
_entity.id
_entity.type
_entity.pdbx_description
1 polymer '2-isopropylmalate synthase'
2 non-polymer LEUCINE
3 non-polymer GLYCEROL
4 non-polymer 'ZINC ION'
5 water water
#
_entity_poly.entity_id   1
_entity_poly.type   'polypeptide(L)'
_entity_poly.pdbx_seq_one_letter_code
;GAMATSESPDAYTESFGAHTIVKPAGPPRVGQPSWNPQRASSMPVNRYRPFAEEVEPIRLRNRTWPDRVIDRAPLWCAVD
LRDGNQALIDPMSPARKRRMFDLLVRMGYKEIEVGFPSASQTDFDFVREIIEQGAIPDDVTIQVLTQCRPELIERTFQAC
SGAPRAIVHFYNSTSILQRRVVFRANRAEVQAIATDGARKCVEQAAKYPGTQWRFEYSPESYTGTELEYAKQVCDAVGEV
IAPTPERPIIFNLPATVEMTTPNVYADSIEWMSRNLANRESVILSLHPHNDRGTAVAAAELGFAAGADRIEGCLFGNGER
TGNVCLVTLGLNLFSRGVDPQIDFSNIDEIRRTVEYCNQLPVHERHPYGGDLVYTAFSGSHQDAINKGLDAMKLDADAAD
CDVDDMLWQVPYLPIDPRDVGRTYEAVIRVNSQSGKGGVAYIMKTDHGLSLPRRLQIEFSQVIQKIAEGTAGEGGEVSPK
EMWDAFAEEYLAPVRPLERIRQHVDAADDDGGTTSITATVKINGVETEISGSGNGPLAAFVHALADVGFDVAVLDYYEHA
MSAGDDAQAAAYVEASVTIASPAQPGEAGRHASDPVTIASPAQPGEAGRHASDPVTSKTVWGVGIAPSITTASLRAVVSA
VNRAAR
;
_entity_poly.pdbx_strand_id   A,B
#
# COMPACT_ATOMS: atom_id res chain seq x y z
N THR A 20 -17.01 -1.13 7.07
CA THR A 20 -16.94 -2.57 6.54
C THR A 20 -17.29 -2.81 5.04
N ILE A 21 -16.81 -3.94 4.51
CA ILE A 21 -16.95 -4.23 3.09
C ILE A 21 -18.36 -4.77 2.78
N VAL A 22 -19.10 -4.05 1.93
CA VAL A 22 -20.46 -4.47 1.53
C VAL A 22 -20.46 -4.81 0.03
N LYS A 23 -20.85 -6.03 -0.29
CA LYS A 23 -20.87 -6.55 -1.68
C LYS A 23 -21.55 -5.56 -2.68
N PRO A 24 -20.85 -5.14 -3.75
CA PRO A 24 -21.57 -4.34 -4.82
C PRO A 24 -22.92 -4.99 -5.23
N ALA A 25 -23.94 -4.20 -5.38
CA ALA A 25 -25.29 -4.72 -5.55
C ALA A 25 -26.06 -3.91 -6.61
N GLY A 26 -25.42 -2.85 -7.14
CA GLY A 26 -26.00 -1.92 -8.12
C GLY A 26 -26.23 -2.48 -9.51
N PRO A 27 -27.20 -1.92 -10.26
CA PRO A 27 -27.41 -2.50 -11.62
C PRO A 27 -26.15 -2.55 -12.54
N PRO A 28 -25.93 -3.70 -13.25
CA PRO A 28 -24.84 -3.67 -14.23
C PRO A 28 -25.14 -2.60 -15.28
N ARG A 29 -24.08 -2.17 -15.94
CA ARG A 29 -24.19 -1.10 -16.93
C ARG A 29 -25.04 -1.60 -18.08
N VAL A 30 -25.56 -0.64 -18.85
CA VAL A 30 -26.33 -1.03 -20.04
C VAL A 30 -25.35 -1.60 -21.02
N GLY A 31 -25.69 -2.73 -21.63
CA GLY A 31 -24.83 -3.33 -22.64
C GLY A 31 -23.73 -4.25 -22.12
N GLN A 32 -23.44 -4.20 -20.80
CA GLN A 32 -22.67 -5.24 -20.09
C GLN A 32 -23.00 -6.66 -20.53
N PRO A 33 -22.00 -7.45 -20.99
CA PRO A 33 -22.30 -8.81 -21.43
C PRO A 33 -22.87 -9.76 -20.35
N SER A 34 -23.61 -10.79 -20.83
CA SER A 34 -24.34 -11.75 -19.98
C SER A 34 -23.38 -12.54 -19.21
N TRP A 35 -22.21 -12.67 -19.78
CA TRP A 35 -21.13 -13.45 -19.14
C TRP A 35 -20.37 -12.68 -18.04
N ASN A 36 -20.73 -11.42 -17.83
CA ASN A 36 -20.19 -10.60 -16.76
C ASN A 36 -21.34 -10.30 -15.74
N PRO A 37 -21.43 -11.08 -14.63
CA PRO A 37 -22.46 -10.84 -13.59
C PRO A 37 -22.10 -9.82 -12.52
N GLN A 38 -21.02 -9.05 -12.76
CA GLN A 38 -20.61 -7.99 -11.89
C GLN A 38 -21.68 -6.89 -11.70
N ARG A 39 -21.78 -6.39 -10.46
CA ARG A 39 -22.73 -5.41 -10.10
C ARG A 39 -21.99 -4.14 -9.85
N ALA A 40 -22.72 -3.01 -9.98
CA ALA A 40 -22.18 -1.74 -9.70
C ALA A 40 -21.83 -1.59 -8.19
N SER A 41 -20.73 -0.87 -7.89
CA SER A 41 -20.26 -0.65 -6.51
C SER A 41 -20.91 0.61 -6.00
N SER A 42 -20.93 0.77 -4.69
CA SER A 42 -21.44 2.03 -4.22
C SER A 42 -20.31 3.09 -3.89
N MET A 43 -19.10 2.88 -4.44
CA MET A 43 -18.01 3.85 -4.38
C MET A 43 -18.38 5.12 -5.10
N PRO A 44 -18.01 6.27 -4.53
CA PRO A 44 -18.40 7.58 -5.14
C PRO A 44 -17.51 7.98 -6.39
N VAL A 45 -17.68 7.24 -7.48
CA VAL A 45 -16.95 7.47 -8.71
C VAL A 45 -17.22 8.85 -9.36
N ASN A 46 -18.34 9.50 -8.97
CA ASN A 46 -18.61 10.84 -9.55
C ASN A 46 -17.77 11.93 -9.01
N ARG A 47 -16.93 11.64 -8.02
CA ARG A 47 -16.02 12.64 -7.48
C ARG A 47 -14.72 12.69 -8.25
N TYR A 48 -14.62 11.79 -9.24
CA TYR A 48 -13.37 11.59 -10.03
C TYR A 48 -13.73 11.70 -11.53
N ARG A 49 -12.87 12.32 -12.34
CA ARG A 49 -13.18 12.45 -13.78
C ARG A 49 -12.10 11.79 -14.61
N PRO A 50 -12.48 11.32 -15.80
CA PRO A 50 -11.39 10.91 -16.64
C PRO A 50 -10.28 12.01 -16.76
N PHE A 51 -9.04 11.59 -17.02
CA PHE A 51 -7.93 12.55 -17.16
C PHE A 51 -8.15 13.61 -18.22
N ALA A 52 -8.62 13.18 -19.40
CA ALA A 52 -8.88 14.13 -20.52
C ALA A 52 -9.76 15.25 -20.08
N GLU A 53 -10.64 14.97 -19.14
CA GLU A 53 -11.55 16.01 -18.61
C GLU A 53 -11.06 16.73 -17.31
N GLU A 54 -10.35 16.03 -16.42
CA GLU A 54 -9.65 16.67 -15.32
C GLU A 54 -8.60 17.72 -15.76
N VAL A 55 -7.85 17.34 -16.80
CA VAL A 55 -6.78 18.21 -17.33
C VAL A 55 -7.11 18.51 -18.80
N GLU A 56 -6.72 17.63 -19.70
CA GLU A 56 -6.98 17.88 -21.12
C GLU A 56 -6.81 16.63 -21.91
N PRO A 57 -7.44 16.56 -23.10
CA PRO A 57 -7.09 15.48 -24.02
C PRO A 57 -5.67 15.55 -24.63
N ILE A 58 -5.21 14.39 -25.06
CA ILE A 58 -3.94 14.16 -25.74
C ILE A 58 -3.64 15.05 -26.97
N ARG A 59 -2.64 15.92 -26.89
CA ARG A 59 -2.22 16.73 -28.05
C ARG A 59 -1.57 16.01 -29.27
N LEU A 60 -1.10 14.78 -29.10
CA LEU A 60 -0.09 14.24 -30.03
C LEU A 60 -0.60 13.46 -31.22
N ARG A 61 -0.23 13.95 -32.40
CA ARG A 61 -0.49 13.33 -33.65
C ARG A 61 0.74 12.55 -34.16
N ASN A 62 0.52 11.37 -34.71
CA ASN A 62 1.65 10.49 -35.09
C ASN A 62 2.73 10.15 -34.01
N ARG A 63 2.34 9.62 -32.87
CA ARG A 63 3.34 9.14 -31.92
C ARG A 63 4.29 8.11 -32.54
N THR A 64 5.52 8.11 -32.07
CA THR A 64 6.53 7.14 -32.50
C THR A 64 7.11 6.30 -31.35
N TRP A 65 6.91 6.70 -30.07
CA TRP A 65 7.35 5.88 -28.91
C TRP A 65 6.90 4.41 -28.95
N PRO A 66 5.67 4.09 -29.47
CA PRO A 66 5.33 2.70 -29.60
C PRO A 66 6.19 1.79 -30.43
N ASP A 67 6.95 2.36 -31.39
CA ASP A 67 7.79 1.54 -32.27
C ASP A 67 9.22 1.69 -31.86
N ARG A 68 9.49 2.39 -30.76
CA ARG A 68 10.88 2.62 -30.38
C ARG A 68 11.21 1.62 -29.30
N VAL A 69 12.26 0.84 -29.49
CA VAL A 69 12.77 -0.06 -28.44
C VAL A 69 14.06 0.62 -27.92
N ILE A 70 14.13 0.78 -26.60
CA ILE A 70 15.26 1.39 -25.92
C ILE A 70 16.54 0.64 -26.24
N ASP A 71 17.61 1.34 -26.67
CA ASP A 71 18.94 0.73 -26.97
C ASP A 71 20.11 1.42 -26.33
N ARG A 72 19.83 2.43 -25.53
CA ARG A 72 20.92 3.00 -24.74
C ARG A 72 20.41 3.32 -23.35
N ALA A 73 21.31 3.57 -22.43
CA ALA A 73 20.89 3.95 -21.10
C ALA A 73 20.60 5.46 -21.06
N PRO A 74 19.61 5.89 -20.26
CA PRO A 74 19.49 7.29 -20.11
C PRO A 74 20.59 7.79 -19.17
N LEU A 75 20.61 9.11 -19.01
CA LEU A 75 21.30 9.82 -17.94
C LEU A 75 20.41 9.68 -16.71
N TRP A 76 21.05 9.15 -15.67
CA TRP A 76 20.41 8.88 -14.42
C TRP A 76 20.68 10.04 -13.50
N CYS A 77 19.66 10.37 -12.71
CA CYS A 77 19.85 11.15 -11.56
C CYS A 77 19.16 10.55 -10.36
N ALA A 78 19.94 10.39 -9.27
CA ALA A 78 19.45 9.82 -8.03
C ALA A 78 19.01 10.93 -7.15
N VAL A 79 17.76 10.86 -6.74
CA VAL A 79 17.26 11.89 -5.83
C VAL A 79 17.02 11.36 -4.39
N ASP A 80 17.58 10.18 -4.08
CA ASP A 80 17.48 9.59 -2.76
C ASP A 80 17.75 10.50 -1.58
N LEU A 81 18.83 11.27 -1.65
CA LEU A 81 19.23 12.15 -0.52
C LEU A 81 18.27 13.34 -0.21
N ARG A 82 17.28 13.56 -1.05
CA ARG A 82 16.37 14.69 -0.87
C ARG A 82 14.95 14.17 -0.94
N ASP A 83 14.56 13.77 -2.16
CA ASP A 83 13.26 13.28 -2.40
C ASP A 83 13.01 12.03 -1.57
N GLY A 84 13.94 11.08 -1.56
CA GLY A 84 13.85 9.97 -0.62
C GLY A 84 13.85 10.31 0.87
N ASN A 85 14.94 10.95 1.33
CA ASN A 85 15.04 11.41 2.72
C ASN A 85 13.79 12.14 3.28
N GLN A 86 13.26 13.07 2.52
CA GLN A 86 12.00 13.81 2.87
C GLN A 86 10.76 12.89 3.17
N ALA A 87 10.81 11.69 2.62
CA ALA A 87 9.75 10.66 2.67
C ALA A 87 9.83 9.80 3.94
N LEU A 88 10.86 9.97 4.77
CA LEU A 88 11.20 8.96 5.78
C LEU A 88 10.66 9.34 7.13
N ILE A 89 10.10 8.31 7.78
CA ILE A 89 9.68 8.31 9.18
C ILE A 89 10.87 8.67 10.07
N ASP A 90 12.01 8.04 9.82
CA ASP A 90 13.27 8.43 10.49
C ASP A 90 14.15 9.02 9.44
N PRO A 91 14.31 10.35 9.44
CA PRO A 91 15.21 10.88 8.41
C PRO A 91 16.66 10.44 8.60
N MET A 92 17.43 10.49 7.51
CA MET A 92 18.82 10.16 7.57
C MET A 92 19.65 11.09 8.53
N SER A 93 20.49 10.45 9.35
CA SER A 93 21.59 11.07 10.14
C SER A 93 22.62 11.49 9.13
N PRO A 94 23.51 12.44 9.47
CA PRO A 94 24.72 12.67 8.65
C PRO A 94 25.51 11.41 8.14
N ALA A 95 25.60 10.36 8.97
CA ALA A 95 26.22 9.05 8.61
C ALA A 95 25.48 8.28 7.51
N ARG A 96 24.15 8.26 7.61
CA ARG A 96 23.29 7.60 6.66
C ARG A 96 23.30 8.31 5.29
N LYS A 97 23.32 9.63 5.29
CA LYS A 97 23.50 10.39 4.05
C LYS A 97 24.85 10.10 3.36
N ARG A 98 25.91 10.11 4.14
CA ARG A 98 27.22 9.93 3.60
C ARG A 98 27.29 8.52 2.95
N ARG A 99 26.75 7.54 3.68
CA ARG A 99 26.67 6.18 3.21
C ARG A 99 25.85 6.09 1.89
N MET A 100 24.68 6.76 1.83
CA MET A 100 23.87 6.81 0.61
C MET A 100 24.67 7.57 -0.52
N PHE A 101 25.26 8.73 -0.20
CA PHE A 101 26.07 9.47 -1.17
C PHE A 101 27.11 8.53 -1.78
N ASP A 102 27.85 7.80 -0.93
CA ASP A 102 28.94 6.93 -1.36
C ASP A 102 28.46 5.76 -2.20
N LEU A 103 27.31 5.20 -1.87
CA LEU A 103 26.76 4.08 -2.59
C LEU A 103 26.45 4.51 -4.04
N LEU A 104 25.82 5.68 -4.15
CA LEU A 104 25.34 6.19 -5.44
C LEU A 104 26.53 6.40 -6.33
N VAL A 105 27.60 7.04 -5.81
CA VAL A 105 28.86 7.27 -6.49
C VAL A 105 29.46 5.97 -7.05
N ARG A 106 29.57 5.00 -6.16
CA ARG A 106 30.16 3.71 -6.46
C ARG A 106 29.38 2.91 -7.45
N MET A 107 28.05 2.98 -7.38
CA MET A 107 27.19 2.37 -8.43
C MET A 107 27.42 2.97 -9.82
N GLY A 108 27.80 4.25 -9.90
CA GLY A 108 28.12 4.90 -11.18
C GLY A 108 27.25 6.11 -11.52
N TYR A 109 26.43 6.58 -10.57
CA TYR A 109 25.64 7.82 -10.75
C TYR A 109 26.53 9.07 -10.82
N LYS A 110 26.20 9.94 -11.76
CA LYS A 110 26.97 11.13 -12.11
C LYS A 110 26.16 12.38 -11.70
N GLU A 111 24.88 12.18 -11.37
CA GLU A 111 24.02 13.22 -10.95
C GLU A 111 23.23 12.86 -9.74
N ILE A 112 23.34 13.68 -8.70
CA ILE A 112 22.88 13.23 -7.38
C ILE A 112 22.27 14.41 -6.68
N GLU A 113 20.97 14.33 -6.40
CA GLU A 113 20.31 15.42 -5.69
C GLU A 113 20.67 15.32 -4.23
N VAL A 114 21.26 16.39 -3.67
CA VAL A 114 21.83 16.33 -2.33
C VAL A 114 21.06 17.12 -1.28
N GLY A 115 20.05 17.86 -1.68
CA GLY A 115 19.30 18.61 -0.68
C GLY A 115 18.42 19.72 -1.22
N PHE A 116 17.76 20.38 -0.27
CA PHE A 116 16.94 21.61 -0.46
C PHE A 116 17.51 22.56 0.61
N PRO A 117 18.78 23.00 0.47
CA PRO A 117 19.50 23.63 1.59
C PRO A 117 18.90 24.93 2.08
N SER A 118 18.17 25.64 1.21
CA SER A 118 17.46 26.86 1.54
C SER A 118 16.27 26.66 2.51
N ALA A 119 15.73 25.45 2.58
CA ALA A 119 14.60 25.16 3.45
C ALA A 119 14.96 24.13 4.55
N SER A 120 16.18 23.63 4.57
CA SER A 120 16.49 22.66 5.56
C SER A 120 17.91 22.86 5.96
N GLN A 121 18.10 23.15 7.24
CA GLN A 121 19.42 23.42 7.77
C GLN A 121 20.31 22.18 7.69
N THR A 122 19.74 21.01 7.94
CA THR A 122 20.55 19.80 7.91
C THR A 122 20.97 19.47 6.49
N ASP A 123 20.15 19.88 5.50
CA ASP A 123 20.45 19.83 4.06
C ASP A 123 21.55 20.77 3.78
N PHE A 124 21.41 21.98 4.31
CA PHE A 124 22.43 23.00 4.16
C PHE A 124 23.76 22.51 4.68
N ASP A 125 23.81 21.93 5.88
CA ASP A 125 25.09 21.45 6.46
C ASP A 125 25.71 20.42 5.55
N PHE A 126 24.93 19.38 5.22
CA PHE A 126 25.40 18.29 4.37
C PHE A 126 26.13 18.77 3.10
N VAL A 127 25.60 19.83 2.48
CA VAL A 127 26.09 20.33 1.21
C VAL A 127 27.43 20.97 1.45
N ARG A 128 27.47 21.87 2.43
CA ARG A 128 28.72 22.43 2.98
C ARG A 128 29.76 21.35 3.22
N GLU A 129 29.38 20.36 4.01
CA GLU A 129 30.23 19.22 4.35
C GLU A 129 30.92 18.56 3.15
N ILE A 130 30.15 17.93 2.24
CA ILE A 130 30.73 17.35 0.99
C ILE A 130 31.44 18.33 0.07
N ILE A 131 31.07 19.61 0.09
CA ILE A 131 31.87 20.60 -0.67
C ILE A 131 33.21 20.88 0.06
N GLU A 132 33.15 21.18 1.37
CA GLU A 132 34.37 21.44 2.17
C GLU A 132 35.32 20.20 2.32
N GLN A 133 34.75 19.02 2.63
CA GLN A 133 35.47 17.75 2.69
C GLN A 133 36.17 17.34 1.35
N GLY A 134 35.82 17.98 0.22
CA GLY A 134 36.32 17.53 -1.10
C GLY A 134 35.92 16.12 -1.54
N ALA A 135 34.69 15.75 -1.12
CA ALA A 135 33.99 14.46 -1.37
C ALA A 135 33.27 14.24 -2.75
N ILE A 136 33.26 15.21 -3.63
CA ILE A 136 32.67 15.03 -4.92
C ILE A 136 33.75 14.57 -5.96
N PRO A 137 33.59 13.40 -6.53
CA PRO A 137 34.41 12.99 -7.73
C PRO A 137 34.29 13.98 -8.91
N ASP A 138 35.35 14.12 -9.71
CA ASP A 138 35.34 15.15 -10.72
C ASP A 138 34.22 14.92 -11.74
N ASP A 139 33.68 13.69 -11.87
CA ASP A 139 32.62 13.38 -12.91
C ASP A 139 31.23 13.45 -12.34
N VAL A 140 31.12 13.95 -11.11
CA VAL A 140 29.83 13.87 -10.37
C VAL A 140 29.32 15.29 -10.28
N THR A 141 28.10 15.51 -10.71
CA THR A 141 27.50 16.81 -10.49
C THR A 141 26.48 16.67 -9.33
N ILE A 142 26.59 17.54 -8.31
CA ILE A 142 25.53 17.58 -7.28
C ILE A 142 24.35 18.43 -7.71
N GLN A 143 23.18 18.15 -7.17
CA GLN A 143 21.94 18.90 -7.59
C GLN A 143 21.25 19.29 -6.30
N VAL A 144 20.87 20.54 -6.22
CA VAL A 144 20.16 21.06 -5.05
C VAL A 144 18.82 21.69 -5.54
N LEU A 145 17.79 21.49 -4.74
CA LEU A 145 16.46 21.91 -5.10
C LEU A 145 16.22 23.25 -4.48
N THR A 146 15.62 24.16 -5.25
CA THR A 146 15.03 25.35 -4.64
C THR A 146 13.66 25.66 -5.22
N GLN A 147 12.90 26.44 -4.45
CA GLN A 147 11.72 27.20 -4.89
C GLN A 147 12.14 28.56 -5.42
N CYS A 148 11.20 29.33 -5.98
CA CYS A 148 11.55 30.48 -6.83
C CYS A 148 11.89 31.77 -6.12
N ARG A 149 11.43 31.92 -4.88
CA ARG A 149 11.66 33.13 -4.08
C ARG A 149 13.12 33.49 -4.10
N PRO A 150 13.44 34.79 -4.33
CA PRO A 150 14.80 35.25 -4.51
C PRO A 150 15.75 34.90 -3.37
N GLU A 151 15.24 34.98 -2.14
CA GLU A 151 15.97 34.63 -0.90
C GLU A 151 16.25 33.12 -0.73
N LEU A 152 15.38 32.30 -1.30
CA LEU A 152 15.56 30.86 -1.28
C LEU A 152 16.60 30.50 -2.38
N ILE A 153 16.58 31.17 -3.52
CA ILE A 153 17.65 31.06 -4.53
C ILE A 153 19.04 31.47 -4.03
N GLU A 154 19.13 32.59 -3.33
CA GLU A 154 20.47 33.03 -2.87
C GLU A 154 21.07 32.10 -1.83
N ARG A 155 20.19 31.61 -0.94
CA ARG A 155 20.58 30.66 0.09
C ARG A 155 21.03 29.33 -0.54
N THR A 156 20.33 28.91 -1.58
CA THR A 156 20.81 27.83 -2.42
C THR A 156 22.23 28.03 -3.01
N PHE A 157 22.53 29.18 -3.60
CA PHE A 157 23.88 29.40 -4.17
C PHE A 157 24.96 29.50 -3.09
N GLN A 158 24.56 30.00 -1.92
CA GLN A 158 25.45 30.13 -0.81
C GLN A 158 25.78 28.74 -0.33
N ALA A 159 24.84 27.82 -0.38
CA ALA A 159 25.11 26.42 0.06
C ALA A 159 26.11 25.72 -0.87
N CYS A 160 26.04 26.05 -2.15
CA CYS A 160 26.95 25.53 -3.13
C CYS A 160 28.22 26.30 -3.26
N SER A 161 28.41 27.34 -2.43
CA SER A 161 29.65 28.15 -2.45
C SER A 161 30.86 27.21 -2.54
N GLY A 162 31.59 27.34 -3.63
CA GLY A 162 32.81 26.58 -3.76
C GLY A 162 32.77 25.28 -4.56
N ALA A 163 31.57 24.68 -4.72
CA ALA A 163 31.32 23.53 -5.67
C ALA A 163 31.90 23.70 -7.11
N PRO A 164 32.67 22.69 -7.63
CA PRO A 164 33.21 22.91 -8.97
C PRO A 164 32.13 22.95 -10.08
N ARG A 165 31.01 22.29 -9.80
CA ARG A 165 29.88 22.30 -10.67
C ARG A 165 28.66 21.88 -9.86
N ALA A 166 27.51 22.36 -10.28
CA ALA A 166 26.32 22.08 -9.52
C ALA A 166 25.12 22.28 -10.44
N ILE A 167 24.08 21.48 -10.26
CA ILE A 167 22.77 21.77 -10.84
C ILE A 167 21.85 22.51 -9.90
N VAL A 168 21.27 23.62 -10.38
CA VAL A 168 20.30 24.35 -9.58
C VAL A 168 18.97 24.08 -10.25
N HIS A 169 18.13 23.36 -9.48
CA HIS A 169 16.80 22.92 -9.85
C HIS A 169 15.84 23.85 -9.15
N PHE A 170 15.20 24.72 -9.94
CA PHE A 170 14.15 25.53 -9.41
C PHE A 170 12.82 25.06 -10.07
N TYR A 171 11.72 25.28 -9.35
CA TYR A 171 10.43 24.79 -9.76
C TYR A 171 9.35 25.67 -9.06
N ASN A 172 8.17 25.64 -9.63
CA ASN A 172 6.94 26.22 -9.09
C ASN A 172 5.80 25.38 -9.72
N SER A 173 4.74 25.20 -8.98
CA SER A 173 3.55 24.44 -9.44
CA SER A 173 3.59 24.43 -9.47
C SER A 173 2.80 25.18 -10.53
N THR A 174 2.44 24.43 -11.59
CA THR A 174 1.79 24.92 -12.80
C THR A 174 0.40 24.23 -13.07
N SER A 175 -0.01 23.20 -12.32
CA SER A 175 -1.25 22.52 -12.63
C SER A 175 -2.41 23.49 -12.60
N ILE A 176 -3.45 23.18 -13.38
CA ILE A 176 -4.72 23.88 -13.33
C ILE A 176 -5.20 24.01 -11.88
N LEU A 177 -5.05 22.95 -11.09
CA LEU A 177 -5.57 22.91 -9.74
C LEU A 177 -4.79 23.82 -8.81
N GLN A 178 -3.47 23.82 -8.91
CA GLN A 178 -2.69 24.60 -7.98
C GLN A 178 -2.73 26.11 -8.33
N ARG A 179 -2.77 26.43 -9.63
CA ARG A 179 -2.99 27.82 -10.02
C ARG A 179 -4.26 28.31 -9.37
N ARG A 180 -5.32 27.51 -9.42
CA ARG A 180 -6.59 27.96 -8.89
C ARG A 180 -6.65 28.08 -7.35
N VAL A 181 -6.34 26.97 -6.67
CA VAL A 181 -6.61 26.88 -5.23
C VAL A 181 -5.34 27.04 -4.34
N VAL A 182 -4.15 26.82 -4.93
CA VAL A 182 -2.94 27.05 -4.15
C VAL A 182 -2.38 28.48 -4.28
N PHE A 183 -2.24 28.97 -5.50
CA PHE A 183 -1.63 30.29 -5.70
C PHE A 183 -2.68 31.34 -5.99
N ARG A 184 -3.88 30.89 -6.36
CA ARG A 184 -4.91 31.84 -6.72
C ARG A 184 -4.34 32.77 -7.77
N ALA A 185 -3.66 32.23 -8.77
CA ALA A 185 -2.89 33.03 -9.74
C ALA A 185 -3.24 32.65 -11.14
N ASN A 186 -3.19 33.60 -12.06
CA ASN A 186 -3.41 33.23 -13.41
C ASN A 186 -2.16 32.66 -14.12
N ARG A 187 -2.33 32.26 -15.39
CA ARG A 187 -1.24 31.73 -16.18
CA ARG A 187 -1.24 31.71 -16.18
C ARG A 187 -0.03 32.64 -16.31
N ALA A 188 -0.25 33.93 -16.48
CA ALA A 188 0.84 34.87 -16.67
C ALA A 188 1.61 35.11 -15.36
N GLU A 189 0.88 35.09 -14.26
CA GLU A 189 1.50 35.25 -12.96
C GLU A 189 2.49 34.11 -12.64
N VAL A 190 2.05 32.90 -12.98
CA VAL A 190 2.71 31.67 -12.60
C VAL A 190 3.96 31.51 -13.48
N GLN A 191 3.83 31.87 -14.76
CA GLN A 191 4.98 32.00 -15.65
C GLN A 191 6.04 33.00 -15.13
N ALA A 192 5.60 34.18 -14.65
CA ALA A 192 6.50 35.16 -14.04
C ALA A 192 7.16 34.67 -12.78
N ILE A 193 6.43 33.98 -11.90
CA ILE A 193 7.15 33.28 -10.80
C ILE A 193 8.33 32.45 -11.37
N ALA A 194 8.10 31.64 -12.41
CA ALA A 194 9.17 30.89 -13.06
C ALA A 194 10.30 31.72 -13.69
N THR A 195 9.96 32.73 -14.49
CA THR A 195 11.01 33.48 -15.25
C THR A 195 11.81 34.43 -14.29
N ASP A 196 11.18 34.91 -13.21
CA ASP A 196 11.92 35.66 -12.20
C ASP A 196 12.87 34.78 -11.43
N GLY A 197 12.48 33.53 -11.18
CA GLY A 197 13.38 32.59 -10.59
C GLY A 197 14.62 32.41 -11.42
N ALA A 198 14.42 32.13 -12.71
CA ALA A 198 15.49 31.98 -13.67
C ALA A 198 16.39 33.24 -13.71
N ARG A 199 15.77 34.45 -13.77
CA ARG A 199 16.51 35.71 -13.65
C ARG A 199 17.41 35.79 -12.46
N LYS A 200 16.88 35.45 -11.31
CA LYS A 200 17.62 35.35 -10.07
C LYS A 200 18.78 34.37 -10.19
N CYS A 201 18.52 33.20 -10.80
CA CYS A 201 19.54 32.19 -10.93
C CYS A 201 20.68 32.73 -11.77
N VAL A 202 20.36 33.34 -12.91
CA VAL A 202 21.35 33.99 -13.79
C VAL A 202 22.22 35.02 -13.05
N GLU A 203 21.58 35.82 -12.23
CA GLU A 203 22.25 36.88 -11.52
C GLU A 203 23.21 36.27 -10.50
N GLN A 204 22.73 35.33 -9.68
CA GLN A 204 23.53 34.53 -8.71
C GLN A 204 24.66 33.74 -9.31
N ALA A 205 24.43 33.15 -10.48
CA ALA A 205 25.51 32.49 -11.24
C ALA A 205 26.65 33.45 -11.54
N ALA A 206 26.31 34.70 -11.87
CA ALA A 206 27.27 35.74 -12.23
C ALA A 206 28.04 36.30 -11.01
N LYS A 207 27.46 36.21 -9.80
CA LYS A 207 28.10 36.59 -8.55
C LYS A 207 28.96 35.46 -7.89
N TYR A 208 28.99 34.27 -8.53
CA TYR A 208 29.72 33.10 -7.99
C TYR A 208 30.65 32.51 -9.04
N PRO A 209 31.97 32.81 -8.92
CA PRO A 209 32.88 32.63 -10.08
C PRO A 209 33.29 31.17 -10.22
N GLY A 210 33.60 30.78 -11.45
CA GLY A 210 34.38 29.56 -11.66
C GLY A 210 33.74 28.19 -11.49
N THR A 211 32.68 28.11 -10.69
CA THR A 211 31.74 26.98 -10.60
C THR A 211 30.99 26.86 -11.94
N GLN A 212 30.83 25.64 -12.49
CA GLN A 212 30.01 25.49 -13.72
C GLN A 212 28.54 25.28 -13.28
N TRP A 213 27.77 26.37 -13.25
CA TRP A 213 26.39 26.36 -12.79
C TRP A 213 25.59 25.75 -13.90
N ARG A 214 24.70 24.81 -13.55
CA ARG A 214 23.81 24.15 -14.50
C ARG A 214 22.40 24.30 -13.93
N PHE A 215 21.40 24.48 -14.80
CA PHE A 215 20.01 24.69 -14.39
C PHE A 215 19.08 23.60 -14.82
N GLU A 216 18.10 23.42 -13.97
CA GLU A 216 17.01 22.53 -14.22
C GLU A 216 15.79 23.30 -13.75
N TYR A 217 14.75 23.23 -14.55
CA TYR A 217 13.48 23.83 -14.21
C TYR A 217 12.42 22.71 -14.33
N SER A 218 11.55 22.58 -13.35
CA SER A 218 10.41 21.65 -13.40
C SER A 218 9.11 22.43 -13.31
N PRO A 219 8.23 22.29 -14.33
CA PRO A 219 6.87 22.76 -13.99
C PRO A 219 6.18 21.73 -13.05
N GLU A 220 6.27 22.04 -11.77
CA GLU A 220 5.78 21.16 -10.77
C GLU A 220 4.29 20.83 -11.00
N SER A 221 3.92 19.57 -10.76
CA SER A 221 2.60 19.07 -11.00
C SER A 221 2.27 19.03 -12.50
N TYR A 222 3.31 18.71 -13.31
CA TYR A 222 3.23 18.72 -14.77
C TYR A 222 2.06 17.94 -15.40
N THR A 223 1.67 16.81 -14.80
CA THR A 223 0.73 15.88 -15.39
C THR A 223 -0.66 16.42 -15.26
N GLY A 224 -0.76 17.38 -14.35
CA GLY A 224 -1.96 18.15 -14.09
C GLY A 224 -2.04 19.54 -14.74
N THR A 225 -1.11 19.82 -15.69
CA THR A 225 -0.92 21.09 -16.44
C THR A 225 -1.23 20.88 -17.91
N GLU A 226 -1.84 21.89 -18.52
CA GLU A 226 -1.99 21.95 -20.03
C GLU A 226 -0.63 21.96 -20.72
N LEU A 227 -0.49 21.15 -21.76
CA LEU A 227 0.78 20.98 -22.50
C LEU A 227 1.29 22.26 -23.14
N GLU A 228 0.45 22.95 -23.91
CA GLU A 228 0.78 24.27 -24.40
C GLU A 228 1.31 25.15 -23.26
N TYR A 229 0.65 25.15 -22.10
CA TYR A 229 1.08 26.03 -21.04
C TYR A 229 2.50 25.65 -20.49
N ALA A 230 2.72 24.36 -20.15
CA ALA A 230 4.02 23.84 -19.67
C ALA A 230 5.16 24.20 -20.61
N LYS A 231 4.94 23.99 -21.92
CA LYS A 231 5.86 24.41 -23.00
C LYS A 231 6.12 25.93 -22.97
N GLN A 232 5.06 26.72 -22.83
CA GLN A 232 5.25 28.17 -22.79
C GLN A 232 6.04 28.60 -21.55
N VAL A 233 5.72 28.06 -20.38
CA VAL A 233 6.53 28.36 -19.22
C VAL A 233 7.98 27.94 -19.42
N CYS A 234 8.19 26.71 -19.90
CA CYS A 234 9.56 26.19 -20.13
C CYS A 234 10.33 26.99 -21.13
N ASP A 235 9.71 27.32 -22.23
CA ASP A 235 10.35 28.18 -23.28
C ASP A 235 10.80 29.50 -22.72
N ALA A 236 9.91 30.08 -21.96
CA ALA A 236 10.19 31.33 -21.31
C ALA A 236 11.39 31.22 -20.36
N VAL A 237 11.44 30.21 -19.50
CA VAL A 237 12.56 30.07 -18.57
C VAL A 237 13.87 29.84 -19.39
N GLY A 238 13.81 28.99 -20.40
CA GLY A 238 14.93 28.81 -21.32
C GLY A 238 15.40 30.11 -21.98
N GLU A 239 14.49 30.97 -22.41
CA GLU A 239 14.89 32.29 -22.95
C GLU A 239 15.70 33.11 -21.92
N VAL A 240 15.32 33.08 -20.63
CA VAL A 240 16.11 33.63 -19.54
C VAL A 240 17.51 32.93 -19.36
N ILE A 241 17.54 31.60 -19.21
CA ILE A 241 18.83 30.94 -19.04
C ILE A 241 19.75 31.03 -20.29
N ALA A 242 19.16 31.15 -21.46
CA ALA A 242 19.87 31.06 -22.73
C ALA A 242 20.88 29.96 -22.72
N PRO A 243 20.44 28.68 -22.61
CA PRO A 243 21.29 27.49 -22.70
C PRO A 243 21.84 27.22 -24.10
N THR A 244 22.87 26.42 -24.22
CA THR A 244 23.44 26.06 -25.52
C THR A 244 23.68 24.53 -25.56
N PRO A 245 23.97 23.96 -26.74
CA PRO A 245 24.22 22.52 -26.73
C PRO A 245 25.40 22.13 -25.83
N GLU A 246 26.39 23.03 -25.66
CA GLU A 246 27.54 22.79 -24.76
C GLU A 246 27.07 23.03 -23.31
N ARG A 247 26.33 24.13 -23.06
CA ARG A 247 25.77 24.33 -21.73
C ARG A 247 24.22 24.12 -21.65
N PRO A 248 23.73 22.86 -21.73
CA PRO A 248 22.26 22.74 -21.89
C PRO A 248 21.45 23.12 -20.64
N ILE A 249 20.15 23.39 -20.84
CA ILE A 249 19.23 23.43 -19.69
C ILE A 249 18.57 22.04 -19.49
N ILE A 250 18.19 21.73 -18.25
CA ILE A 250 17.34 20.57 -17.99
C ILE A 250 15.89 21.00 -17.81
N PHE A 251 15.00 20.46 -18.64
CA PHE A 251 13.55 20.60 -18.31
C PHE A 251 13.01 19.28 -17.76
N ASN A 252 12.56 19.33 -16.49
CA ASN A 252 12.20 18.13 -15.74
C ASN A 252 10.71 18.10 -15.61
N LEU A 253 10.09 17.00 -16.02
CA LEU A 253 8.62 17.00 -16.22
C LEU A 253 8.00 15.94 -15.35
N PRO A 254 7.72 16.32 -14.11
CA PRO A 254 7.32 15.33 -13.07
C PRO A 254 5.85 14.83 -13.15
N ALA A 255 5.64 13.52 -12.90
CA ALA A 255 4.33 13.00 -12.58
C ALA A 255 4.18 13.13 -11.06
N THR A 256 4.06 14.41 -10.58
CA THR A 256 4.10 14.73 -9.16
C THR A 256 3.12 13.80 -8.47
N VAL A 257 1.91 13.73 -9.05
CA VAL A 257 0.99 12.66 -8.92
C VAL A 257 0.97 11.97 -10.27
N GLU A 258 1.19 10.67 -10.23
CA GLU A 258 0.86 9.84 -11.34
C GLU A 258 -0.70 9.81 -11.50
N MET A 259 -1.18 10.54 -12.50
CA MET A 259 -2.61 10.80 -12.76
C MET A 259 -3.32 9.88 -13.81
N THR A 260 -2.52 9.30 -14.72
CA THR A 260 -3.11 8.46 -15.72
C THR A 260 -2.08 7.37 -16.16
N THR A 261 -2.52 6.51 -17.11
CA THR A 261 -1.75 5.46 -17.74
C THR A 261 -0.37 5.91 -18.38
N PRO A 262 0.60 5.03 -18.39
CA PRO A 262 1.93 5.46 -18.80
C PRO A 262 2.07 5.90 -20.27
N ASN A 263 1.13 5.47 -21.11
CA ASN A 263 1.12 5.79 -22.56
C ASN A 263 0.81 7.27 -22.81
N VAL A 264 0.00 7.81 -21.91
CA VAL A 264 -0.48 9.15 -22.00
C VAL A 264 0.61 10.06 -21.48
N TYR A 265 1.20 9.75 -20.31
CA TYR A 265 2.40 10.44 -19.92
C TYR A 265 3.42 10.53 -21.07
N ALA A 266 3.73 9.39 -21.69
CA ALA A 266 4.70 9.29 -22.78
C ALA A 266 4.25 10.13 -23.99
N ASP A 267 2.95 10.16 -24.30
CA ASP A 267 2.43 11.01 -25.41
C ASP A 267 2.82 12.42 -25.07
N SER A 268 2.59 12.77 -23.80
CA SER A 268 2.88 14.15 -23.30
C SER A 268 4.40 14.51 -23.44
N ILE A 269 5.27 13.54 -23.21
CA ILE A 269 6.70 13.74 -23.24
C ILE A 269 7.14 13.88 -24.70
N GLU A 270 6.61 13.02 -25.56
CA GLU A 270 6.89 13.12 -27.02
C GLU A 270 6.48 14.49 -27.60
N TRP A 271 5.34 14.96 -27.18
CA TRP A 271 4.85 16.24 -27.58
C TRP A 271 5.79 17.34 -27.06
N MET A 272 6.05 17.35 -25.77
CA MET A 272 7.00 18.27 -25.26
C MET A 272 8.35 18.20 -25.98
N SER A 273 8.83 16.99 -26.26
CA SER A 273 10.11 16.83 -26.95
C SER A 273 10.14 17.51 -28.35
N ARG A 274 9.01 17.43 -29.04
CA ARG A 274 8.95 17.89 -30.42
C ARG A 274 8.68 19.39 -30.47
N ASN A 275 8.21 19.99 -29.37
CA ASN A 275 7.57 21.30 -29.40
C ASN A 275 8.32 22.35 -28.60
N LEU A 276 9.07 21.93 -27.59
CA LEU A 276 9.91 22.89 -26.88
C LEU A 276 10.85 23.57 -27.90
N ALA A 277 11.10 24.85 -27.67
CA ALA A 277 12.07 25.70 -28.39
C ALA A 277 13.47 25.31 -27.95
N ASN A 278 14.45 25.58 -28.82
CA ASN A 278 15.83 25.38 -28.46
C ASN A 278 16.13 23.93 -27.99
N ARG A 279 15.56 22.96 -28.72
CA ARG A 279 15.62 21.53 -28.35
C ARG A 279 17.04 20.94 -28.20
N GLU A 280 18.00 21.38 -29.00
CA GLU A 280 19.41 20.92 -28.82
C GLU A 280 20.07 21.40 -27.54
N SER A 281 19.52 22.41 -26.86
CA SER A 281 20.11 22.96 -25.63
C SER A 281 19.34 22.40 -24.43
N VAL A 282 18.52 21.36 -24.65
CA VAL A 282 17.61 20.91 -23.64
C VAL A 282 17.95 19.46 -23.30
N ILE A 283 18.07 19.15 -22.01
CA ILE A 283 18.14 17.76 -21.60
C ILE A 283 16.78 17.61 -21.00
N LEU A 284 15.98 16.76 -21.64
CA LEU A 284 14.62 16.43 -21.24
C LEU A 284 14.52 15.28 -20.21
N SER A 285 13.95 15.60 -19.05
CA SER A 285 14.11 14.77 -17.88
C SER A 285 12.72 14.36 -17.41
N LEU A 286 12.62 13.13 -16.90
CA LEU A 286 11.32 12.53 -16.44
C LEU A 286 11.42 12.36 -14.93
N HIS A 287 10.32 12.57 -14.21
CA HIS A 287 10.33 12.36 -12.76
C HIS A 287 8.99 11.71 -12.38
N PRO A 288 8.86 10.40 -12.62
CA PRO A 288 7.61 9.72 -12.41
C PRO A 288 7.39 9.45 -10.91
N HIS A 289 6.16 9.54 -10.39
CA HIS A 289 5.79 8.94 -9.12
C HIS A 289 4.86 7.75 -9.37
N ASN A 290 4.50 7.04 -8.32
CA ASN A 290 3.96 5.68 -8.49
C ASN A 290 2.49 5.53 -8.06
N ASP A 291 1.75 6.67 -7.97
CA ASP A 291 0.31 6.67 -7.44
C ASP A 291 -0.63 5.67 -8.06
N ARG A 292 -0.37 5.35 -9.32
CA ARG A 292 -1.14 4.38 -10.10
C ARG A 292 -0.38 3.06 -10.30
N GLY A 293 0.78 2.94 -9.63
CA GLY A 293 1.58 1.68 -9.67
C GLY A 293 2.30 1.52 -10.98
N THR A 294 2.32 2.60 -11.79
CA THR A 294 3.04 2.50 -13.08
C THR A 294 4.23 3.46 -13.36
N ALA A 295 4.95 3.89 -12.34
CA ALA A 295 6.11 4.79 -12.50
C ALA A 295 7.23 4.22 -13.44
N VAL A 296 7.61 2.96 -13.23
CA VAL A 296 8.57 2.26 -14.14
C VAL A 296 8.12 2.35 -15.63
N ALA A 297 6.82 2.09 -15.90
CA ALA A 297 6.35 2.01 -17.29
C ALA A 297 6.31 3.43 -17.83
N ALA A 298 5.91 4.42 -16.99
CA ALA A 298 5.93 5.82 -17.38
C ALA A 298 7.34 6.26 -17.85
N ALA A 299 8.35 5.85 -17.11
CA ALA A 299 9.79 6.13 -17.37
C ALA A 299 10.28 5.47 -18.67
N GLU A 300 9.88 4.23 -18.87
CA GLU A 300 10.34 3.48 -19.99
C GLU A 300 9.68 3.94 -21.28
N LEU A 301 8.38 4.25 -21.21
CA LEU A 301 7.64 4.65 -22.40
C LEU A 301 8.02 6.06 -22.74
N GLY A 302 8.09 6.93 -21.73
CA GLY A 302 8.61 8.28 -21.74
C GLY A 302 10.03 8.42 -22.28
N PHE A 303 10.98 7.57 -21.89
CA PHE A 303 12.36 7.62 -22.44
C PHE A 303 12.25 7.29 -23.96
N ALA A 304 11.50 6.23 -24.33
CA ALA A 304 11.17 5.94 -25.76
C ALA A 304 10.48 7.09 -26.51
N ALA A 305 9.84 7.96 -25.76
CA ALA A 305 9.12 9.09 -26.30
C ALA A 305 10.10 10.22 -26.55
N GLY A 306 11.37 10.07 -26.13
CA GLY A 306 12.33 11.17 -26.46
C GLY A 306 12.97 11.89 -25.27
N ALA A 307 12.59 11.56 -24.04
CA ALA A 307 13.36 12.06 -22.90
C ALA A 307 14.85 11.64 -22.95
N ASP A 308 15.68 12.30 -22.14
CA ASP A 308 17.16 12.12 -22.09
C ASP A 308 17.63 11.59 -20.76
N ARG A 309 16.78 11.81 -19.74
CA ARG A 309 17.18 11.77 -18.38
C ARG A 309 15.99 11.33 -17.49
N ILE A 310 16.32 10.62 -16.41
CA ILE A 310 15.36 10.07 -15.46
C ILE A 310 15.87 10.32 -14.05
N GLU A 311 14.98 10.88 -13.19
CA GLU A 311 15.19 11.01 -11.74
C GLU A 311 14.34 9.97 -10.99
N GLY A 312 14.96 9.26 -10.04
CA GLY A 312 14.26 8.21 -9.28
C GLY A 312 15.07 7.93 -8.03
N CYS A 313 14.62 6.93 -7.25
CA CYS A 313 15.28 6.48 -6.02
C CYS A 313 15.58 5.01 -6.11
N LEU A 314 16.61 4.57 -5.38
CA LEU A 314 16.96 3.12 -5.30
C LEU A 314 15.77 2.46 -4.57
N PHE A 315 15.20 1.42 -5.19
CA PHE A 315 14.00 0.77 -4.67
C PHE A 315 12.76 1.65 -4.40
N GLY A 316 12.59 2.70 -5.19
CA GLY A 316 11.33 3.41 -5.24
C GLY A 316 10.94 4.29 -4.07
N ASN A 317 11.92 4.75 -3.28
CA ASN A 317 11.59 5.52 -2.06
C ASN A 317 11.12 6.88 -2.56
N GLY A 318 10.45 7.69 -1.73
CA GLY A 318 9.92 8.99 -2.15
C GLY A 318 8.52 9.13 -1.54
N GLU A 319 7.88 10.27 -1.67
CA GLU A 319 6.72 10.51 -0.84
C GLU A 319 5.59 9.55 -1.32
N ARG A 320 4.69 9.20 -0.39
CA ARG A 320 3.59 8.24 -0.57
C ARG A 320 3.96 6.94 -1.25
N THR A 321 3.54 6.80 -2.51
CA THR A 321 3.93 5.58 -3.27
C THR A 321 5.39 5.63 -3.84
N GLY A 322 6.05 6.76 -3.77
CA GLY A 322 7.43 6.76 -4.14
C GLY A 322 7.80 7.31 -5.48
N ASN A 323 9.10 7.47 -5.71
CA ASN A 323 9.67 7.81 -7.03
C ASN A 323 9.91 6.57 -7.86
N VAL A 324 10.15 6.72 -9.15
CA VAL A 324 10.42 5.52 -9.99
C VAL A 324 11.64 4.72 -9.42
N CYS A 325 11.57 3.40 -9.47
CA CYS A 325 12.70 2.60 -9.05
C CYS A 325 13.89 2.57 -10.05
N LEU A 326 15.00 3.11 -9.59
CA LEU A 326 16.21 3.15 -10.35
C LEU A 326 16.82 1.81 -10.65
N VAL A 327 16.55 0.86 -9.75
CA VAL A 327 17.05 -0.49 -9.80
C VAL A 327 16.29 -1.28 -10.83
N THR A 328 14.95 -1.23 -10.74
CA THR A 328 14.09 -1.80 -11.70
C THR A 328 14.38 -1.31 -13.12
N LEU A 329 14.44 -0.01 -13.28
CA LEU A 329 14.79 0.56 -14.60
C LEU A 329 16.15 0.08 -15.18
N GLY A 330 17.23 0.16 -14.39
CA GLY A 330 18.54 -0.27 -14.95
C GLY A 330 18.67 -1.77 -15.22
N LEU A 331 18.11 -2.57 -14.31
CA LEU A 331 18.12 -4.01 -14.50
C LEU A 331 17.09 -4.43 -15.59
N ASN A 332 16.08 -3.61 -15.91
CA ASN A 332 15.17 -3.90 -17.08
C ASN A 332 15.88 -3.63 -18.41
N LEU A 333 16.88 -2.77 -18.41
CA LEU A 333 17.80 -2.59 -19.51
C LEU A 333 18.78 -3.78 -19.64
N PHE A 334 19.56 -4.07 -18.60
CA PHE A 334 20.47 -5.27 -18.49
C PHE A 334 19.92 -6.59 -19.02
N SER A 335 18.75 -7.02 -18.51
CA SER A 335 18.13 -8.33 -18.85
C SER A 335 17.54 -8.35 -20.29
N ARG A 336 17.49 -7.19 -20.94
CA ARG A 336 17.21 -7.11 -22.37
C ARG A 336 18.45 -6.66 -23.24
N GLY A 337 19.67 -6.86 -22.67
CA GLY A 337 20.90 -6.71 -23.48
C GLY A 337 21.48 -5.29 -23.63
N VAL A 338 20.98 -4.39 -22.79
CA VAL A 338 21.38 -3.00 -22.85
C VAL A 338 22.10 -2.63 -21.53
N ASP A 339 23.33 -2.13 -21.69
CA ASP A 339 24.15 -1.71 -20.54
C ASP A 339 23.52 -0.55 -19.77
N PRO A 340 23.09 -0.75 -18.51
CA PRO A 340 22.54 0.43 -17.76
C PRO A 340 23.66 1.41 -17.31
N GLN A 341 24.96 1.04 -17.48
CA GLN A 341 26.03 2.01 -17.14
C GLN A 341 26.05 2.29 -15.60
N ILE A 342 25.44 1.33 -14.86
CA ILE A 342 25.36 1.33 -13.43
C ILE A 342 25.57 -0.12 -13.04
N ASP A 343 26.20 -0.36 -11.89
CA ASP A 343 26.63 -1.68 -11.51
C ASP A 343 25.69 -2.24 -10.49
N PHE A 344 25.06 -3.37 -10.80
CA PHE A 344 24.10 -3.98 -9.91
C PHE A 344 24.57 -5.41 -9.62
N SER A 345 25.85 -5.63 -9.88
CA SER A 345 26.51 -6.92 -9.67
CA SER A 345 26.57 -6.90 -9.66
C SER A 345 26.35 -7.44 -8.26
N ASN A 346 26.09 -6.52 -7.33
CA ASN A 346 25.77 -6.96 -5.96
C ASN A 346 24.55 -6.25 -5.38
N ILE A 347 23.37 -6.76 -5.73
CA ILE A 347 22.14 -6.11 -5.35
C ILE A 347 21.82 -6.24 -3.88
N ASP A 348 22.23 -7.34 -3.25
CA ASP A 348 22.17 -7.42 -1.76
C ASP A 348 22.85 -6.34 -0.98
N GLU A 349 24.08 -6.03 -1.36
CA GLU A 349 24.80 -4.90 -0.80
C GLU A 349 23.99 -3.62 -1.00
N ILE A 350 23.45 -3.41 -2.21
CA ILE A 350 22.63 -2.22 -2.50
C ILE A 350 21.42 -2.19 -1.58
N ARG A 351 20.70 -3.28 -1.61
CA ARG A 351 19.55 -3.39 -0.80
C ARG A 351 19.82 -3.26 0.69
N ARG A 352 20.91 -3.87 1.20
CA ARG A 352 21.21 -3.78 2.64
C ARG A 352 21.53 -2.35 3.00
N THR A 353 22.32 -1.68 2.16
CA THR A 353 22.66 -0.26 2.40
C THR A 353 21.43 0.61 2.29
N VAL A 354 20.60 0.42 1.28
CA VAL A 354 19.33 1.20 1.14
C VAL A 354 18.39 1.04 2.33
N GLU A 355 18.17 -0.20 2.76
CA GLU A 355 17.37 -0.41 3.96
C GLU A 355 17.91 0.24 5.26
N TYR A 356 19.23 0.31 5.37
CA TYR A 356 19.91 0.91 6.51
C TYR A 356 19.74 2.47 6.48
N CYS A 357 20.01 3.03 5.31
CA CYS A 357 19.88 4.47 5.11
C CYS A 357 18.41 4.90 5.25
N ASN A 358 17.49 4.09 4.74
CA ASN A 358 16.08 4.51 4.72
C ASN A 358 15.29 4.04 5.96
N GLN A 359 15.76 2.92 6.54
CA GLN A 359 15.07 2.26 7.64
C GLN A 359 13.65 1.91 7.22
N LEU A 360 13.50 1.56 5.91
CA LEU A 360 12.35 0.88 5.31
C LEU A 360 12.84 -0.27 4.47
N PRO A 361 12.07 -1.39 4.53
CA PRO A 361 12.47 -2.62 3.85
C PRO A 361 12.15 -2.67 2.34
N VAL A 362 12.96 -3.42 1.61
CA VAL A 362 12.63 -3.73 0.27
C VAL A 362 11.61 -4.89 0.42
N HIS A 363 10.49 -4.75 -0.25
CA HIS A 363 9.47 -5.75 -0.15
C HIS A 363 9.95 -7.06 -0.75
N GLU A 364 9.40 -8.16 -0.26
CA GLU A 364 9.79 -9.54 -0.66
C GLU A 364 9.65 -9.82 -2.16
N ARG A 365 8.75 -9.06 -2.80
CA ARG A 365 8.41 -9.21 -4.21
C ARG A 365 8.99 -8.08 -5.09
N HIS A 366 9.77 -7.19 -4.49
CA HIS A 366 10.37 -6.12 -5.29
C HIS A 366 11.20 -6.63 -6.49
N PRO A 367 10.93 -6.15 -7.73
CA PRO A 367 11.75 -6.73 -8.83
C PRO A 367 13.25 -6.81 -8.51
N TYR A 368 13.89 -7.92 -8.84
CA TYR A 368 15.35 -8.08 -8.78
C TYR A 368 15.92 -8.10 -7.36
N GLY A 369 15.33 -7.29 -6.48
CA GLY A 369 15.91 -7.08 -5.20
C GLY A 369 15.31 -7.91 -4.09
N GLY A 370 14.00 -8.25 -4.20
CA GLY A 370 13.27 -8.73 -3.02
C GLY A 370 13.61 -10.15 -2.66
N ASP A 371 13.32 -10.57 -1.43
CA ASP A 371 13.61 -11.94 -0.97
C ASP A 371 13.12 -13.06 -1.88
N LEU A 372 11.92 -12.92 -2.43
CA LEU A 372 11.34 -14.12 -3.12
C LEU A 372 11.54 -14.20 -4.64
N VAL A 373 12.38 -13.35 -5.25
CA VAL A 373 12.19 -13.18 -6.73
C VAL A 373 13.02 -14.19 -7.56
N TYR A 374 13.94 -14.86 -6.87
CA TYR A 374 14.67 -15.99 -7.41
C TYR A 374 14.38 -17.35 -6.78
N THR A 375 13.18 -17.52 -6.22
CA THR A 375 12.76 -18.66 -5.50
C THR A 375 11.71 -19.32 -6.35
N ALA A 376 11.70 -20.66 -6.42
CA ALA A 376 10.66 -21.42 -7.15
C ALA A 376 10.13 -22.39 -6.15
N PHE A 377 8.85 -22.33 -5.89
CA PHE A 377 8.23 -23.26 -4.95
C PHE A 377 7.57 -24.42 -5.68
N SER A 378 7.32 -24.23 -6.98
CA SER A 378 6.69 -25.24 -7.83
C SER A 378 7.71 -26.27 -8.33
N GLY A 379 7.37 -27.56 -8.15
CA GLY A 379 8.12 -28.73 -8.68
C GLY A 379 8.24 -28.72 -10.21
N SER A 380 7.16 -28.36 -10.90
CA SER A 380 7.12 -28.20 -12.35
C SER A 380 8.15 -27.15 -12.88
N HIS A 381 8.04 -25.94 -12.35
CA HIS A 381 9.02 -24.90 -12.57
C HIS A 381 10.45 -25.33 -12.26
N GLN A 382 10.63 -26.02 -11.11
CA GLN A 382 11.98 -26.40 -10.65
C GLN A 382 12.61 -27.39 -11.61
N ASP A 383 11.77 -28.33 -12.08
CA ASP A 383 12.16 -29.21 -13.21
C ASP A 383 12.62 -28.47 -14.51
N ALA A 384 11.84 -27.45 -14.95
CA ALA A 384 12.09 -26.68 -16.16
C ALA A 384 13.40 -25.95 -16.06
N ILE A 385 13.57 -25.31 -14.90
CA ILE A 385 14.80 -24.63 -14.52
C ILE A 385 16.03 -25.53 -14.67
N ASN A 386 15.98 -26.74 -14.16
CA ASN A 386 17.10 -27.63 -14.34
C ASN A 386 17.27 -28.07 -15.76
N LYS A 387 16.17 -28.38 -16.45
CA LYS A 387 16.26 -28.67 -17.88
C LYS A 387 16.96 -27.55 -18.65
N GLY A 388 16.61 -26.30 -18.30
CA GLY A 388 17.28 -25.10 -18.86
C GLY A 388 18.76 -24.98 -18.50
N LEU A 389 19.11 -25.24 -17.24
CA LEU A 389 20.49 -25.13 -16.82
C LEU A 389 21.33 -26.24 -17.42
N ASP A 390 20.73 -27.40 -17.68
CA ASP A 390 21.48 -28.55 -18.21
C ASP A 390 21.76 -28.36 -19.69
N ALA A 391 20.74 -27.92 -20.42
CA ALA A 391 20.93 -27.51 -21.76
C ALA A 391 21.97 -26.39 -21.85
N MET A 392 22.01 -25.45 -20.91
CA MET A 392 23.06 -24.41 -20.99
C MET A 392 24.48 -25.00 -20.82
N LYS A 393 24.68 -25.87 -19.81
CA LYS A 393 25.89 -26.65 -19.58
C LYS A 393 26.28 -27.50 -20.80
N LEU A 394 25.37 -28.34 -21.32
CA LEU A 394 25.67 -29.08 -22.57
C LEU A 394 26.38 -28.16 -23.56
N ASP A 395 25.81 -26.98 -23.76
CA ASP A 395 26.22 -26.06 -24.80
C ASP A 395 27.56 -25.45 -24.52
N ALA A 396 27.81 -25.14 -23.25
CA ALA A 396 29.08 -24.50 -22.80
C ALA A 396 30.27 -25.45 -22.95
N ASP A 397 30.02 -26.74 -22.64
CA ASP A 397 30.95 -27.86 -22.87
C ASP A 397 31.22 -28.04 -24.36
N ALA A 398 30.20 -27.98 -25.22
CA ALA A 398 30.47 -28.05 -26.64
C ALA A 398 31.52 -27.01 -27.08
N ALA A 399 31.27 -25.71 -26.83
CA ALA A 399 32.14 -24.61 -27.26
C ALA A 399 33.41 -24.31 -26.41
N ASP A 400 33.71 -25.13 -25.40
CA ASP A 400 34.86 -24.94 -24.47
C ASP A 400 34.71 -23.71 -23.54
N CYS A 401 33.48 -23.15 -23.56
CA CYS A 401 33.06 -21.95 -22.83
C CYS A 401 32.66 -22.07 -21.36
N ASP A 402 32.75 -20.96 -20.65
CA ASP A 402 32.12 -20.92 -19.35
C ASP A 402 30.59 -20.76 -19.56
N VAL A 403 29.81 -21.59 -18.86
CA VAL A 403 28.34 -21.46 -18.85
C VAL A 403 28.01 -20.01 -18.54
N ASP A 404 28.74 -19.50 -17.57
CA ASP A 404 28.55 -18.16 -17.09
C ASP A 404 28.82 -17.05 -18.06
N ASP A 405 29.29 -17.35 -19.28
CA ASP A 405 29.50 -16.30 -20.31
C ASP A 405 28.55 -16.54 -21.47
N MET A 406 27.66 -17.52 -21.35
CA MET A 406 26.72 -17.87 -22.44
C MET A 406 25.36 -17.22 -22.27
N LEU A 407 24.63 -17.03 -23.37
CA LEU A 407 23.20 -16.61 -23.34
C LEU A 407 22.44 -17.34 -22.27
N TRP A 408 21.84 -16.59 -21.38
CA TRP A 408 20.99 -17.16 -20.31
C TRP A 408 19.67 -17.64 -20.88
N GLN A 409 19.43 -18.94 -20.81
CA GLN A 409 18.24 -19.59 -21.41
C GLN A 409 17.50 -20.48 -20.37
N VAL A 410 16.88 -19.86 -19.37
CA VAL A 410 16.32 -20.67 -18.28
C VAL A 410 14.89 -20.26 -18.07
N PRO A 411 13.96 -21.22 -18.19
CA PRO A 411 12.55 -20.84 -18.02
C PRO A 411 12.34 -20.24 -16.61
N TYR A 412 11.45 -19.25 -16.50
CA TYR A 412 10.96 -18.69 -15.22
C TYR A 412 11.90 -17.72 -14.57
N LEU A 413 13.14 -17.73 -15.02
CA LEU A 413 14.18 -16.87 -14.43
C LEU A 413 14.68 -15.95 -15.51
N PRO A 414 14.23 -14.67 -15.48
CA PRO A 414 14.64 -13.74 -16.53
C PRO A 414 16.14 -13.49 -16.54
N ILE A 415 16.77 -13.47 -15.34
CA ILE A 415 18.22 -13.33 -15.25
C ILE A 415 18.88 -14.46 -14.46
N ASP A 416 20.19 -14.62 -14.67
CA ASP A 416 20.96 -15.46 -13.83
C ASP A 416 21.06 -14.76 -12.50
N PRO A 417 20.52 -15.40 -11.41
CA PRO A 417 20.62 -14.70 -10.11
C PRO A 417 22.10 -14.40 -9.75
N ARG A 418 23.08 -15.23 -10.18
CA ARG A 418 24.52 -14.90 -9.98
C ARG A 418 24.95 -13.57 -10.63
N ASP A 419 24.28 -13.18 -11.72
CA ASP A 419 24.62 -11.92 -12.35
C ASP A 419 24.34 -10.67 -11.47
N VAL A 420 23.60 -10.85 -10.38
CA VAL A 420 23.40 -9.77 -9.44
C VAL A 420 23.82 -10.09 -8.00
N GLY A 421 24.57 -11.16 -7.80
CA GLY A 421 25.16 -11.50 -6.47
C GLY A 421 24.20 -12.41 -5.71
N ARG A 422 23.20 -12.96 -6.41
CA ARG A 422 22.08 -13.65 -5.75
C ARG A 422 22.11 -15.16 -6.14
N THR A 423 21.26 -15.99 -5.54
CA THR A 423 21.23 -17.42 -5.91
C THR A 423 19.81 -17.90 -6.09
N TYR A 424 19.61 -18.66 -7.18
CA TYR A 424 18.46 -19.50 -7.39
C TYR A 424 18.16 -20.39 -6.17
N GLU A 425 16.94 -20.28 -5.61
CA GLU A 425 16.48 -21.06 -4.45
C GLU A 425 15.33 -21.98 -4.82
N ALA A 426 15.60 -23.28 -4.88
CA ALA A 426 14.53 -24.25 -5.09
C ALA A 426 13.93 -24.65 -3.76
N VAL A 427 12.94 -23.93 -3.24
CA VAL A 427 12.35 -24.35 -1.96
C VAL A 427 11.47 -25.63 -2.00
N ILE A 428 11.88 -26.57 -1.12
CA ILE A 428 11.18 -27.84 -0.76
C ILE A 428 10.29 -27.72 0.50
N LYS A 436 1.82 -18.90 12.18
CA LYS A 436 0.89 -18.53 13.27
C LYS A 436 -0.48 -19.21 13.12
N GLY A 437 -1.24 -19.21 14.23
CA GLY A 437 -2.66 -19.57 14.26
C GLY A 437 -3.54 -18.37 13.84
N GLY A 438 -3.01 -17.15 13.94
CA GLY A 438 -3.69 -15.95 13.44
C GLY A 438 -4.67 -15.40 14.47
N VAL A 439 -4.20 -15.43 15.72
CA VAL A 439 -4.96 -15.17 16.95
C VAL A 439 -5.42 -13.72 16.98
N ALA A 440 -4.49 -12.79 16.76
CA ALA A 440 -4.77 -11.37 16.76
C ALA A 440 -5.83 -11.07 15.73
N TYR A 441 -5.67 -11.67 14.54
CA TYR A 441 -6.53 -11.32 13.43
C TYR A 441 -7.93 -11.82 13.70
N ILE A 442 -7.99 -13.07 14.16
CA ILE A 442 -9.25 -13.80 14.31
C ILE A 442 -10.02 -13.24 15.46
N MET A 443 -9.37 -13.04 16.59
CA MET A 443 -10.04 -12.52 17.77
C MET A 443 -10.67 -11.18 17.56
N LYS A 444 -9.92 -10.30 16.93
CA LYS A 444 -10.37 -8.98 16.52
C LYS A 444 -11.43 -9.04 15.42
N THR A 445 -11.22 -9.74 14.32
CA THR A 445 -12.24 -9.80 13.25
C THR A 445 -13.56 -10.46 13.69
N ASP A 446 -13.47 -11.63 14.32
CA ASP A 446 -14.60 -12.43 14.65
C ASP A 446 -15.22 -12.04 15.98
N HIS A 447 -14.41 -11.42 16.84
CA HIS A 447 -14.83 -11.22 18.23
C HIS A 447 -14.75 -9.81 18.83
N GLY A 448 -14.23 -8.84 18.08
CA GLY A 448 -14.17 -7.47 18.60
C GLY A 448 -13.08 -7.25 19.65
N LEU A 449 -12.18 -8.22 19.83
CA LEU A 449 -11.11 -8.13 20.83
C LEU A 449 -9.74 -7.80 20.24
N SER A 450 -9.15 -6.68 20.66
CA SER A 450 -7.71 -6.42 20.45
C SER A 450 -6.91 -6.89 21.63
N LEU A 451 -6.48 -8.13 21.57
CA LEU A 451 -5.59 -8.69 22.59
C LEU A 451 -4.25 -7.94 22.68
N PRO A 452 -3.87 -7.59 23.91
CA PRO A 452 -2.46 -7.11 24.11
C PRO A 452 -1.50 -8.11 23.53
N ARG A 453 -0.30 -7.65 23.10
CA ARG A 453 0.78 -8.49 22.53
C ARG A 453 1.14 -9.68 23.40
N ARG A 454 1.33 -9.48 24.71
CA ARG A 454 1.76 -10.64 25.56
C ARG A 454 0.64 -11.63 25.79
N LEU A 455 -0.58 -11.13 25.80
CA LEU A 455 -1.74 -12.02 25.77
C LEU A 455 -1.86 -12.81 24.45
N GLN A 456 -1.68 -12.13 23.31
CA GLN A 456 -1.51 -12.76 22.01
C GLN A 456 -0.50 -13.91 22.09
N ILE A 457 0.71 -13.62 22.57
CA ILE A 457 1.73 -14.69 22.74
C ILE A 457 1.25 -15.85 23.65
N GLU A 458 0.79 -15.47 24.83
CA GLU A 458 0.31 -16.41 25.83
C GLU A 458 -0.88 -17.27 25.27
N PHE A 459 -1.92 -16.62 24.77
CA PHE A 459 -2.98 -17.37 24.16
C PHE A 459 -2.50 -18.25 23.00
N SER A 460 -1.63 -17.78 22.11
CA SER A 460 -1.32 -18.66 20.97
C SER A 460 -0.43 -19.82 21.37
N GLN A 461 0.18 -19.76 22.57
CA GLN A 461 0.84 -20.91 23.16
C GLN A 461 -0.22 -21.98 23.49
N VAL A 462 -1.15 -21.71 24.41
CA VAL A 462 -2.40 -22.50 24.66
C VAL A 462 -3.01 -23.17 23.42
N ILE A 463 -2.94 -22.48 22.29
CA ILE A 463 -3.54 -22.93 21.04
C ILE A 463 -2.62 -23.79 20.16
N GLN A 464 -1.31 -23.53 20.16
CA GLN A 464 -0.32 -24.39 19.43
C GLN A 464 -0.39 -25.83 20.00
N LYS A 465 -0.58 -25.94 21.31
CA LYS A 465 -0.81 -27.22 21.99
C LYS A 465 -2.15 -27.87 21.58
N ILE A 466 -3.26 -27.11 21.61
CA ILE A 466 -4.62 -27.64 21.33
C ILE A 466 -4.79 -28.27 19.94
N GLU A 476 -4.68 -27.78 12.38
CA GLU A 476 -5.02 -26.39 12.73
C GLU A 476 -6.29 -26.28 13.59
N VAL A 477 -6.30 -25.29 14.48
CA VAL A 477 -7.52 -25.00 15.25
C VAL A 477 -8.37 -24.01 14.43
N SER A 478 -9.63 -24.36 14.18
CA SER A 478 -10.65 -23.51 13.57
C SER A 478 -10.83 -22.14 14.30
N PRO A 479 -11.35 -21.11 13.58
CA PRO A 479 -11.70 -19.93 14.35
C PRO A 479 -12.74 -20.20 15.53
N LYS A 480 -13.82 -20.96 15.27
CA LYS A 480 -14.77 -21.44 16.33
C LYS A 480 -14.10 -22.21 17.47
N GLU A 481 -13.27 -23.18 17.08
CA GLU A 481 -12.40 -23.84 18.03
C GLU A 481 -11.55 -22.88 18.91
N MET A 482 -10.94 -21.86 18.27
CA MET A 482 -10.11 -20.84 18.97
C MET A 482 -10.94 -19.98 19.92
N TRP A 483 -12.16 -19.62 19.50
CA TRP A 483 -13.15 -19.01 20.39
C TRP A 483 -13.48 -19.81 21.69
N ASP A 484 -13.85 -21.10 21.58
CA ASP A 484 -14.24 -21.95 22.75
C ASP A 484 -13.06 -22.10 23.68
N ALA A 485 -11.88 -22.15 23.08
CA ALA A 485 -10.66 -22.29 23.84
C ALA A 485 -10.37 -21.05 24.72
N PHE A 486 -10.71 -19.88 24.16
CA PHE A 486 -10.46 -18.60 24.74
C PHE A 486 -11.50 -18.33 25.82
N ALA A 487 -12.77 -18.57 25.50
CA ALA A 487 -13.78 -18.39 26.47
C ALA A 487 -13.49 -19.31 27.65
N GLU A 488 -13.01 -20.53 27.38
CA GLU A 488 -12.67 -21.54 28.38
C GLU A 488 -11.56 -21.12 29.32
N GLU A 489 -10.56 -20.44 28.79
CA GLU A 489 -9.43 -19.91 29.59
C GLU A 489 -9.79 -18.70 30.41
N TYR A 490 -10.37 -17.71 29.76
CA TYR A 490 -10.42 -16.37 30.28
C TYR A 490 -11.81 -16.02 30.71
N LEU A 491 -12.82 -16.63 30.06
CA LEU A 491 -14.20 -16.16 30.23
C LEU A 491 -15.11 -16.98 31.12
N ALA A 492 -15.10 -18.31 30.95
CA ALA A 492 -15.99 -19.26 31.64
C ALA A 492 -15.68 -19.55 33.14
N PRO A 493 -14.37 -19.63 33.53
CA PRO A 493 -14.07 -20.08 34.94
C PRO A 493 -14.66 -19.28 36.09
N VAL A 494 -15.28 -20.03 37.01
CA VAL A 494 -15.97 -19.48 38.19
C VAL A 494 -15.34 -20.12 39.41
N ARG A 495 -14.22 -20.80 39.21
CA ARG A 495 -13.47 -21.38 40.32
C ARG A 495 -11.96 -21.22 40.05
N PRO A 496 -11.18 -20.92 41.09
CA PRO A 496 -11.56 -20.70 42.46
C PRO A 496 -12.36 -19.46 42.79
N LEU A 497 -12.46 -18.51 41.86
CA LEU A 497 -13.15 -17.27 42.15
C LEU A 497 -14.40 -17.00 41.27
N GLU A 498 -15.52 -16.69 41.91
CA GLU A 498 -16.68 -16.11 41.21
C GLU A 498 -17.12 -14.77 41.89
N ARG A 499 -17.25 -13.71 41.08
CA ARG A 499 -17.86 -12.45 41.49
C ARG A 499 -19.40 -12.45 41.20
N ILE A 500 -20.19 -12.39 42.25
CA ILE A 500 -21.62 -12.32 42.10
C ILE A 500 -22.07 -10.90 41.77
N ARG A 501 -21.69 -9.98 42.65
CA ARG A 501 -22.04 -8.60 42.53
C ARG A 501 -21.17 -7.84 43.48
N GLN A 502 -21.26 -6.50 43.41
CA GLN A 502 -20.43 -5.63 44.23
C GLN A 502 -21.13 -4.30 44.29
N HIS A 503 -20.87 -3.58 45.37
CA HIS A 503 -21.21 -2.18 45.45
C HIS A 503 -19.89 -1.46 45.33
N VAL A 504 -19.83 -0.51 44.36
CA VAL A 504 -18.70 0.40 44.17
C VAL A 504 -19.08 1.75 44.73
N ASP A 505 -18.41 2.11 45.79
CA ASP A 505 -18.49 3.47 46.35
C ASP A 505 -17.29 4.31 45.81
N ALA A 506 -17.55 4.98 44.69
CA ALA A 506 -16.49 5.74 44.00
C ALA A 506 -16.31 7.10 44.68
N ALA A 507 -15.09 7.65 44.68
CA ALA A 507 -14.85 8.98 45.23
C ALA A 507 -15.42 9.99 44.23
N ASP A 508 -16.29 10.85 44.76
CA ASP A 508 -16.89 11.98 44.08
C ASP A 508 -15.87 12.96 43.59
N ASP A 509 -14.84 13.19 44.43
CA ASP A 509 -13.78 14.19 44.24
C ASP A 509 -12.49 13.56 43.67
N ASP A 510 -11.85 14.29 42.79
CA ASP A 510 -10.65 13.77 42.15
C ASP A 510 -9.65 13.57 43.27
N GLY A 511 -8.92 12.46 43.22
CA GLY A 511 -8.00 12.13 44.28
C GLY A 511 -8.58 11.49 45.53
N GLY A 512 -9.90 11.29 45.57
CA GLY A 512 -10.53 10.71 46.79
C GLY A 512 -10.42 9.20 46.73
N THR A 513 -10.58 8.51 47.85
CA THR A 513 -10.63 7.02 47.90
C THR A 513 -11.88 6.38 47.25
N THR A 514 -11.74 5.19 46.65
CA THR A 514 -12.89 4.46 46.14
C THR A 514 -12.90 3.21 46.99
N SER A 515 -14.13 2.76 47.39
CA SER A 515 -14.31 1.56 48.16
C SER A 515 -15.18 0.62 47.41
N ILE A 516 -15.03 -0.64 47.76
CA ILE A 516 -15.82 -1.65 47.13
C ILE A 516 -16.23 -2.76 48.18
N THR A 517 -17.49 -3.22 48.10
CA THR A 517 -17.86 -4.45 48.78
C THR A 517 -18.40 -5.42 47.75
N ALA A 518 -17.91 -6.66 47.77
CA ALA A 518 -18.32 -7.64 46.83
C ALA A 518 -18.72 -8.96 47.51
N THR A 519 -19.74 -9.59 46.93
CA THR A 519 -20.16 -10.95 47.24
C THR A 519 -19.46 -11.79 46.19
N VAL A 520 -18.65 -12.75 46.68
CA VAL A 520 -17.88 -13.59 45.83
C VAL A 520 -18.11 -15.04 46.27
N LYS A 521 -17.74 -16.01 45.44
CA LYS A 521 -17.67 -17.35 45.94
C LYS A 521 -16.24 -17.83 45.77
N ILE A 522 -15.66 -18.39 46.84
CA ILE A 522 -14.32 -18.98 46.80
C ILE A 522 -14.42 -20.48 46.83
N ASN A 523 -14.10 -21.10 45.72
CA ASN A 523 -14.34 -22.55 45.53
C ASN A 523 -15.70 -22.98 46.01
N GLY A 524 -16.72 -22.21 45.57
CA GLY A 524 -18.09 -22.47 45.89
C GLY A 524 -18.60 -21.73 47.10
N VAL A 525 -17.73 -21.18 47.96
CA VAL A 525 -18.14 -20.63 49.24
C VAL A 525 -18.39 -19.08 49.22
N GLU A 526 -19.67 -18.70 49.40
CA GLU A 526 -20.10 -17.30 49.37
C GLU A 526 -19.43 -16.49 50.44
N THR A 527 -18.78 -15.39 50.05
CA THR A 527 -17.94 -14.60 50.97
C THR A 527 -18.14 -13.13 50.67
N GLU A 528 -18.05 -12.31 51.68
CA GLU A 528 -18.05 -10.89 51.45
C GLU A 528 -16.62 -10.49 51.55
N ILE A 529 -16.23 -9.67 50.59
CA ILE A 529 -14.88 -9.09 50.60
C ILE A 529 -15.09 -7.62 50.48
N SER A 530 -14.22 -6.86 51.11
CA SER A 530 -14.24 -5.43 50.96
C SER A 530 -12.82 -4.74 51.04
N GLY A 531 -12.74 -3.53 50.46
CA GLY A 531 -11.45 -2.88 50.22
C GLY A 531 -11.51 -1.50 49.58
N SER A 532 -10.38 -0.82 49.72
CA SER A 532 -10.20 0.59 49.35
C SER A 532 -8.85 0.79 48.60
N GLY A 533 -8.77 1.90 47.84
CA GLY A 533 -7.65 2.28 47.10
C GLY A 533 -8.01 3.50 46.25
N ASN A 534 -7.19 3.78 45.24
CA ASN A 534 -7.33 5.03 44.49
C ASN A 534 -8.26 4.92 43.31
N GLY A 535 -8.73 3.70 43.06
CA GLY A 535 -9.77 3.50 42.10
C GLY A 535 -10.39 2.16 42.33
N PRO A 536 -11.42 1.86 41.51
CA PRO A 536 -12.24 0.63 41.68
C PRO A 536 -11.37 -0.65 41.57
N LEU A 537 -10.42 -0.68 40.61
CA LEU A 537 -9.54 -1.86 40.44
C LEU A 537 -8.59 -2.02 41.68
N ALA A 538 -8.01 -0.92 42.16
CA ALA A 538 -7.26 -0.96 43.46
C ALA A 538 -8.15 -1.38 44.64
N ALA A 539 -9.34 -0.78 44.81
CA ALA A 539 -10.35 -1.25 45.83
C ALA A 539 -10.59 -2.78 45.76
N PHE A 540 -10.92 -3.26 44.57
CA PHE A 540 -11.15 -4.69 44.35
C PHE A 540 -9.96 -5.61 44.63
N VAL A 541 -8.74 -5.16 44.33
CA VAL A 541 -7.48 -5.95 44.54
C VAL A 541 -7.15 -5.92 46.06
N HIS A 542 -7.37 -4.77 46.72
CA HIS A 542 -7.31 -4.73 48.19
C HIS A 542 -8.25 -5.72 48.89
N ALA A 543 -9.47 -5.89 48.36
CA ALA A 543 -10.42 -6.78 48.93
C ALA A 543 -10.01 -8.23 48.72
N LEU A 544 -9.45 -8.52 47.55
CA LEU A 544 -9.03 -9.87 47.25
C LEU A 544 -7.93 -10.35 48.21
N ALA A 545 -7.09 -9.43 48.63
CA ALA A 545 -5.93 -9.79 49.38
C ALA A 545 -6.30 -10.40 50.77
N ASP A 546 -7.40 -9.93 51.36
CA ASP A 546 -7.89 -10.52 52.62
C ASP A 546 -8.34 -11.99 52.50
N VAL A 547 -8.41 -12.49 51.28
CA VAL A 547 -9.11 -13.72 51.12
C VAL A 547 -8.14 -14.67 50.43
N GLY A 548 -6.87 -14.28 50.45
CA GLY A 548 -5.77 -15.15 49.98
C GLY A 548 -5.52 -15.11 48.50
N PHE A 549 -5.96 -14.02 47.87
CA PHE A 549 -5.78 -13.85 46.44
C PHE A 549 -5.02 -12.56 46.29
N ASP A 550 -3.70 -12.68 46.22
CA ASP A 550 -2.79 -11.53 45.94
C ASP A 550 -2.50 -11.27 44.46
N VAL A 551 -3.04 -10.14 44.02
CA VAL A 551 -3.02 -9.76 42.61
C VAL A 551 -2.06 -8.55 42.46
N ALA A 552 -0.80 -8.85 42.07
CA ALA A 552 0.18 -7.79 41.77
C ALA A 552 0.00 -7.39 40.29
N VAL A 553 -0.64 -6.24 40.08
CA VAL A 553 -1.02 -5.84 38.75
C VAL A 553 0.20 -5.32 37.98
N LEU A 554 0.48 -5.90 36.82
CA LEU A 554 1.66 -5.55 35.99
C LEU A 554 1.33 -4.61 34.86
N ASP A 555 0.11 -4.73 34.29
CA ASP A 555 -0.35 -3.91 33.15
C ASP A 555 -1.87 -4.02 33.11
N TYR A 556 -2.47 -3.10 32.36
CA TYR A 556 -3.94 -3.06 32.17
C TYR A 556 -4.28 -2.33 30.87
N TYR A 557 -5.24 -2.88 30.11
CA TYR A 557 -5.80 -2.27 28.87
C TYR A 557 -7.31 -2.30 28.87
N GLU A 558 -7.95 -1.33 28.21
CA GLU A 558 -9.37 -1.48 27.95
C GLU A 558 -9.72 -0.82 26.60
N HIS A 559 -10.74 -1.39 25.90
CA HIS A 559 -11.28 -0.77 24.70
C HIS A 559 -12.78 -1.15 24.49
N ALA A 560 -13.50 -0.25 23.81
CA ALA A 560 -14.82 -0.45 23.26
C ALA A 560 -14.73 -1.59 22.26
N MET A 561 -15.84 -2.34 22.17
CA MET A 561 -15.98 -3.40 21.19
C MET A 561 -16.77 -2.96 19.94
N SER A 562 -17.30 -1.74 20.03
CA SER A 562 -18.12 -1.14 19.00
C SER A 562 -18.08 0.37 19.10
N ALA A 563 -18.69 1.02 18.10
CA ALA A 563 -19.00 2.46 18.18
C ALA A 563 -20.17 2.64 19.22
N GLY A 564 -20.39 3.88 19.68
CA GLY A 564 -21.51 4.11 20.62
C GLY A 564 -21.15 4.17 22.10
N ASP A 565 -21.75 5.14 22.79
CA ASP A 565 -21.52 5.25 24.25
C ASP A 565 -22.03 4.00 25.04
N ASP A 566 -22.95 3.26 24.44
CA ASP A 566 -23.47 2.08 25.07
C ASP A 566 -22.66 0.83 24.63
N ALA A 567 -21.49 0.99 24.00
CA ALA A 567 -20.71 -0.20 23.59
C ALA A 567 -20.28 -0.97 24.85
N GLN A 568 -19.97 -2.24 24.63
CA GLN A 568 -19.26 -3.05 25.53
C GLN A 568 -17.81 -2.69 25.59
N ALA A 569 -17.23 -2.86 26.77
CA ALA A 569 -15.79 -2.70 27.02
C ALA A 569 -15.13 -4.11 27.12
N ALA A 570 -13.99 -4.29 26.47
CA ALA A 570 -13.12 -5.40 26.82
C ALA A 570 -11.97 -4.85 27.64
N ALA A 571 -11.70 -5.42 28.80
CA ALA A 571 -10.61 -5.00 29.68
C ALA A 571 -9.62 -6.15 29.80
N TYR A 572 -8.34 -5.82 29.90
CA TYR A 572 -7.30 -6.84 30.01
C TYR A 572 -6.39 -6.49 31.17
N VAL A 573 -6.22 -7.45 32.08
CA VAL A 573 -5.36 -7.19 33.21
C VAL A 573 -4.25 -8.24 33.25
N GLU A 574 -3.00 -7.74 33.28
CA GLU A 574 -1.83 -8.61 33.55
C GLU A 574 -1.41 -8.52 35.02
N ALA A 575 -1.27 -9.68 35.65
CA ALA A 575 -0.83 -9.67 37.06
C ALA A 575 0.14 -10.80 37.41
N SER A 576 0.98 -10.67 38.43
CA SER A 576 1.52 -11.88 39.07
C SER A 576 0.65 -12.27 40.25
N VAL A 577 0.18 -13.52 40.21
CA VAL A 577 -0.87 -13.92 41.13
C VAL A 577 -0.41 -14.99 42.09
N THR A 578 -0.59 -14.70 43.38
CA THR A 578 -0.27 -15.64 44.44
C THR A 578 -1.54 -16.08 45.18
N ILE A 579 -1.92 -17.34 44.95
CA ILE A 579 -3.12 -17.94 45.49
C ILE A 579 -2.75 -18.86 46.73
N ALA A 580 -3.04 -18.34 47.93
CA ALA A 580 -2.58 -18.89 49.23
C ALA A 580 -3.14 -20.26 49.65
N SER A 617 3.77 -17.55 42.48
CA SER A 617 3.52 -16.18 41.94
C SER A 617 3.39 -16.15 40.37
N LYS A 618 2.28 -16.68 39.85
CA LYS A 618 2.17 -16.94 38.41
C LYS A 618 1.75 -15.69 37.67
N THR A 619 2.38 -15.48 36.52
CA THR A 619 2.16 -14.32 35.69
C THR A 619 1.03 -14.71 34.77
N VAL A 620 -0.01 -13.86 34.73
CA VAL A 620 -1.24 -14.19 34.00
C VAL A 620 -1.81 -12.99 33.35
N TRP A 621 -2.62 -13.22 32.33
CA TRP A 621 -3.63 -12.27 31.88
C TRP A 621 -5.07 -12.69 32.29
N GLY A 622 -5.89 -11.74 32.75
CA GLY A 622 -7.33 -11.88 32.64
C GLY A 622 -7.97 -10.94 31.63
N VAL A 623 -9.09 -11.39 31.08
CA VAL A 623 -9.90 -10.64 30.16
C VAL A 623 -11.31 -10.55 30.79
N GLY A 624 -11.86 -9.35 30.84
CA GLY A 624 -13.22 -9.14 31.26
C GLY A 624 -14.02 -8.38 30.22
N ILE A 625 -15.28 -8.79 30.01
CA ILE A 625 -16.19 -8.11 29.05
C ILE A 625 -17.49 -7.59 29.70
N ALA A 626 -17.86 -6.30 29.53
CA ALA A 626 -19.06 -5.81 30.17
C ALA A 626 -19.58 -4.51 29.51
N PRO A 627 -20.86 -4.18 29.67
CA PRO A 627 -21.38 -2.88 29.15
C PRO A 627 -20.79 -1.71 29.91
N SER A 628 -20.21 -1.98 31.08
CA SER A 628 -19.62 -0.98 31.95
C SER A 628 -18.12 -1.09 31.93
N ILE A 629 -17.50 0.09 31.86
CA ILE A 629 -16.05 0.28 31.84
C ILE A 629 -15.48 -0.20 33.14
N THR A 630 -16.19 0.15 34.21
CA THR A 630 -15.76 -0.24 35.52
C THR A 630 -15.83 -1.76 35.69
N THR A 631 -16.97 -2.31 35.36
CA THR A 631 -17.26 -3.68 35.66
C THR A 631 -16.44 -4.61 34.81
N ALA A 632 -16.24 -4.23 33.55
CA ALA A 632 -15.26 -4.90 32.66
C ALA A 632 -13.92 -5.09 33.34
N SER A 633 -13.37 -4.02 33.87
CA SER A 633 -12.10 -4.09 34.65
C SER A 633 -12.08 -5.11 35.83
N LEU A 634 -13.18 -5.19 36.59
CA LEU A 634 -13.30 -6.13 37.72
C LEU A 634 -13.33 -7.61 37.28
N ARG A 635 -14.11 -7.88 36.26
CA ARG A 635 -14.10 -9.17 35.61
C ARG A 635 -12.75 -9.65 35.04
N ALA A 636 -11.97 -8.68 34.51
CA ALA A 636 -10.61 -8.94 34.04
C ALA A 636 -9.71 -9.27 35.23
N VAL A 637 -9.94 -8.65 36.39
CA VAL A 637 -9.29 -9.19 37.67
C VAL A 637 -9.61 -10.65 38.03
N VAL A 638 -10.90 -10.96 38.04
CA VAL A 638 -11.39 -12.30 38.39
C VAL A 638 -10.83 -13.35 37.42
N SER A 639 -10.82 -12.98 36.13
CA SER A 639 -10.35 -13.81 35.07
C SER A 639 -8.84 -14.13 35.29
N ALA A 640 -8.08 -13.09 35.60
CA ALA A 640 -6.68 -13.29 35.96
C ALA A 640 -6.49 -14.28 37.14
N VAL A 641 -7.21 -14.06 38.25
CA VAL A 641 -7.10 -14.97 39.38
C VAL A 641 -7.38 -16.41 39.00
N ASN A 642 -8.43 -16.64 38.21
CA ASN A 642 -8.77 -18.00 37.87
C ASN A 642 -7.79 -18.56 36.87
N ARG A 643 -7.28 -17.72 35.96
CA ARG A 643 -6.18 -18.11 35.06
C ARG A 643 -5.04 -18.66 35.87
N ALA A 644 -4.71 -17.95 36.96
CA ALA A 644 -3.60 -18.34 37.79
C ALA A 644 -3.71 -19.74 38.43
N ALA A 645 -4.88 -20.37 38.41
CA ALA A 645 -5.12 -21.53 39.25
C ALA A 645 -5.30 -22.84 38.47
N THR B 20 31.67 -7.14 -3.84
CA THR B 20 31.40 -5.67 -3.59
C THR B 20 31.04 -4.96 -4.88
N ILE B 21 30.57 -3.71 -4.74
CA ILE B 21 30.14 -2.90 -5.91
C ILE B 21 31.36 -2.12 -6.42
N VAL B 22 31.73 -2.30 -7.70
CA VAL B 22 32.80 -1.47 -8.33
C VAL B 22 32.33 -0.53 -9.48
N LYS B 23 32.79 0.72 -9.39
CA LYS B 23 32.29 1.82 -10.22
C LYS B 23 32.43 1.49 -11.69
N PRO B 24 31.35 1.59 -12.46
CA PRO B 24 31.54 1.37 -13.88
C PRO B 24 32.73 2.18 -14.40
N ALA B 25 33.59 1.62 -15.24
CA ALA B 25 34.74 2.38 -15.72
C ALA B 25 35.09 2.13 -17.14
N GLY B 26 34.18 1.55 -17.94
CA GLY B 26 34.42 1.48 -19.39
C GLY B 26 34.20 2.78 -20.20
N PRO B 27 34.67 2.81 -21.48
CA PRO B 27 34.42 3.98 -22.32
C PRO B 27 32.90 4.29 -22.48
N PRO B 28 32.55 5.58 -22.74
CA PRO B 28 31.18 5.94 -23.00
C PRO B 28 30.83 5.36 -24.33
N ARG B 29 29.53 5.21 -24.61
CA ARG B 29 29.10 4.78 -25.95
C ARG B 29 29.62 5.78 -26.99
N VAL B 30 29.72 5.29 -28.21
CA VAL B 30 30.04 6.12 -29.33
C VAL B 30 28.82 6.97 -29.65
N GLY B 31 29.01 8.29 -29.57
CA GLY B 31 27.96 9.23 -29.88
C GLY B 31 27.32 9.70 -28.61
N GLN B 32 27.85 9.27 -27.45
CA GLN B 32 27.25 9.59 -26.15
C GLN B 32 27.49 11.06 -25.88
N PRO B 33 26.43 11.79 -25.52
CA PRO B 33 26.67 13.22 -25.39
C PRO B 33 27.65 13.58 -24.22
N SER B 34 28.34 14.71 -24.38
CA SER B 34 29.30 15.29 -23.43
CA SER B 34 29.33 15.09 -23.37
C SER B 34 28.71 15.53 -22.03
N TRP B 35 27.42 15.85 -21.99
CA TRP B 35 26.81 16.12 -20.68
C TRP B 35 26.38 14.88 -19.91
N ASN B 36 26.60 13.72 -20.53
CA ASN B 36 26.40 12.42 -19.89
C ASN B 36 27.80 11.70 -19.64
N PRO B 37 28.33 11.84 -18.40
CA PRO B 37 29.63 11.25 -17.95
C PRO B 37 29.60 9.79 -17.53
N GLN B 38 28.48 9.09 -17.73
CA GLN B 38 28.36 7.68 -17.42
C GLN B 38 29.34 6.83 -18.23
N ARG B 39 29.69 5.70 -17.62
CA ARG B 39 30.70 4.74 -18.06
C ARG B 39 30.07 3.40 -18.32
N ALA B 40 30.63 2.67 -19.26
CA ALA B 40 30.26 1.27 -19.46
C ALA B 40 30.53 0.51 -18.17
N SER B 41 29.52 -0.25 -17.73
CA SER B 41 29.71 -1.22 -16.65
C SER B 41 30.24 -2.56 -17.21
N SER B 42 30.68 -3.41 -16.29
CA SER B 42 31.09 -4.75 -16.61
C SER B 42 29.98 -5.82 -16.38
N MET B 43 28.72 -5.37 -16.39
CA MET B 43 27.63 -6.31 -16.35
C MET B 43 27.53 -7.16 -17.63
N PRO B 44 27.29 -8.48 -17.50
CA PRO B 44 27.38 -9.28 -18.74
C PRO B 44 26.15 -9.18 -19.62
N VAL B 45 25.93 -8.01 -20.20
CA VAL B 45 24.78 -7.77 -21.10
C VAL B 45 24.76 -8.72 -22.28
N ASN B 46 25.93 -9.25 -22.64
CA ASN B 46 26.02 -10.14 -23.80
C ASN B 46 25.18 -11.40 -23.59
N ARG B 47 24.87 -11.72 -22.32
CA ARG B 47 24.08 -12.89 -22.03
C ARG B 47 22.56 -12.66 -22.22
N TYR B 48 22.17 -11.47 -22.64
CA TYR B 48 20.74 -11.09 -22.76
C TYR B 48 20.53 -10.45 -24.14
N ARG B 49 19.39 -10.72 -24.75
CA ARG B 49 19.01 -10.17 -26.02
C ARG B 49 17.72 -9.35 -25.96
N PRO B 50 17.59 -8.38 -26.88
CA PRO B 50 16.35 -7.65 -27.07
C PRO B 50 15.19 -8.61 -27.19
N PHE B 51 14.03 -8.25 -26.68
CA PHE B 51 12.89 -9.19 -26.73
C PHE B 51 12.63 -9.68 -28.19
N ALA B 52 12.66 -8.75 -29.15
CA ALA B 52 12.43 -9.09 -30.61
C ALA B 52 13.32 -10.21 -31.16
N GLU B 53 14.55 -10.33 -30.61
CA GLU B 53 15.43 -11.47 -30.94
C GLU B 53 15.28 -12.64 -30.01
N GLU B 54 14.99 -12.39 -28.73
CA GLU B 54 14.68 -13.54 -27.87
C GLU B 54 13.42 -14.31 -28.35
N VAL B 55 12.38 -13.54 -28.76
CA VAL B 55 11.09 -14.12 -29.15
C VAL B 55 10.75 -13.87 -30.65
N GLU B 56 10.27 -12.70 -31.03
CA GLU B 56 9.90 -12.37 -32.43
C GLU B 56 9.62 -10.89 -32.31
N PRO B 57 9.83 -10.13 -33.41
CA PRO B 57 9.37 -8.73 -33.54
C PRO B 57 7.83 -8.74 -33.55
N ILE B 58 7.22 -7.90 -32.73
CA ILE B 58 5.77 -7.76 -32.77
C ILE B 58 5.61 -6.38 -33.43
N ARG B 59 5.36 -6.42 -34.76
CA ARG B 59 4.95 -5.19 -35.52
C ARG B 59 3.39 -4.96 -35.51
N LEU B 60 2.98 -3.78 -35.01
CA LEU B 60 1.57 -3.40 -35.06
C LEU B 60 1.39 -1.86 -35.28
N ARG B 61 1.94 -1.39 -36.39
CA ARG B 61 1.92 0.05 -36.69
C ARG B 61 0.48 0.67 -36.74
N ASN B 62 -0.54 -0.12 -37.07
CA ASN B 62 -1.93 0.31 -36.95
C ASN B 62 -2.64 -0.05 -35.64
N ARG B 63 -1.90 -0.30 -34.57
CA ARG B 63 -2.47 -0.46 -33.24
C ARG B 63 -3.55 0.59 -32.98
N THR B 64 -4.54 0.26 -32.19
CA THR B 64 -5.47 1.27 -31.80
C THR B 64 -5.46 1.45 -30.28
N TRP B 65 -4.88 0.50 -29.53
CA TRP B 65 -4.88 0.63 -28.06
C TRP B 65 -4.27 1.98 -27.53
N PRO B 66 -3.27 2.60 -28.20
CA PRO B 66 -2.84 3.82 -27.54
C PRO B 66 -3.88 4.95 -27.57
N ASP B 67 -4.92 4.79 -28.37
CA ASP B 67 -5.93 5.84 -28.51
C ASP B 67 -7.18 5.45 -27.77
N ARG B 68 -7.11 4.43 -26.92
CA ARG B 68 -8.30 4.03 -26.18
C ARG B 68 -8.19 4.25 -24.66
N VAL B 69 -9.12 4.99 -24.10
CA VAL B 69 -9.22 5.18 -22.69
C VAL B 69 -10.32 4.21 -22.18
N ILE B 70 -9.90 3.38 -21.21
CA ILE B 70 -10.81 2.40 -20.58
C ILE B 70 -12.02 3.10 -19.99
N ASP B 71 -13.22 2.57 -20.16
CA ASP B 71 -14.42 3.18 -19.62
C ASP B 71 -15.39 2.27 -18.97
N ARG B 72 -15.02 1.02 -18.79
CA ARG B 72 -15.83 0.04 -18.03
C ARG B 72 -14.83 -0.90 -17.34
N ALA B 73 -15.21 -1.41 -16.18
CA ALA B 73 -14.49 -2.49 -15.51
C ALA B 73 -14.30 -3.70 -16.47
N PRO B 74 -13.13 -4.38 -16.37
CA PRO B 74 -13.06 -5.68 -17.03
C PRO B 74 -13.85 -6.71 -16.20
N LEU B 75 -14.02 -7.91 -16.78
CA LEU B 75 -14.34 -9.07 -15.95
C LEU B 75 -13.11 -9.48 -15.18
N TRP B 76 -13.29 -9.52 -13.88
CA TRP B 76 -12.22 -9.69 -13.01
C TRP B 76 -12.19 -11.15 -12.62
N CYS B 77 -10.99 -11.69 -12.49
CA CYS B 77 -10.82 -13.03 -11.92
C CYS B 77 -9.72 -13.00 -10.87
N ALA B 78 -10.10 -13.35 -9.64
CA ALA B 78 -9.15 -13.49 -8.50
C ALA B 78 -8.52 -14.91 -8.39
N VAL B 79 -7.18 -14.94 -8.48
CA VAL B 79 -6.39 -16.19 -8.43
C VAL B 79 -5.59 -16.32 -7.14
N ASP B 80 -5.94 -15.51 -6.14
CA ASP B 80 -5.25 -15.49 -4.84
C ASP B 80 -5.06 -16.85 -4.15
N LEU B 81 -6.06 -17.72 -4.36
CA LEU B 81 -6.20 -19.01 -3.68
C LEU B 81 -5.44 -20.13 -4.38
N ARG B 82 -4.96 -19.83 -5.60
CA ARG B 82 -4.14 -20.75 -6.39
C ARG B 82 -2.74 -20.15 -6.68
N ASP B 83 -2.68 -19.24 -7.65
CA ASP B 83 -1.45 -18.53 -7.96
C ASP B 83 -0.83 -17.87 -6.73
N GLY B 84 -1.62 -17.23 -5.86
CA GLY B 84 -1.03 -16.54 -4.73
C GLY B 84 -0.60 -17.54 -3.69
N ASN B 85 -1.47 -18.52 -3.47
CA ASN B 85 -1.20 -19.59 -2.56
C ASN B 85 0.07 -20.38 -2.87
N GLN B 86 0.19 -20.87 -4.12
CA GLN B 86 1.39 -21.52 -4.66
C GLN B 86 2.66 -20.76 -4.19
N ALA B 87 2.49 -19.47 -3.95
CA ALA B 87 3.66 -18.59 -3.93
C ALA B 87 4.15 -18.26 -2.53
N LEU B 88 3.49 -18.81 -1.53
CA LEU B 88 3.66 -18.38 -0.17
C LEU B 88 4.78 -19.17 0.52
N ILE B 89 5.50 -18.55 1.44
CA ILE B 89 6.38 -19.31 2.34
C ILE B 89 5.49 -20.34 3.13
N ASP B 90 4.41 -19.87 3.75
CA ASP B 90 3.48 -20.80 4.36
C ASP B 90 2.19 -20.78 3.56
N PRO B 91 1.92 -21.87 2.84
CA PRO B 91 0.67 -21.92 2.13
C PRO B 91 -0.51 -21.91 3.12
N MET B 92 -1.65 -21.42 2.65
CA MET B 92 -2.84 -21.21 3.42
C MET B 92 -3.38 -22.49 4.01
N SER B 93 -3.61 -22.44 5.35
CA SER B 93 -4.37 -23.41 6.14
C SER B 93 -5.81 -23.48 5.66
N PRO B 94 -6.54 -24.56 6.00
CA PRO B 94 -7.93 -24.53 5.57
C PRO B 94 -8.71 -23.24 6.03
N ALA B 95 -8.36 -22.66 7.18
CA ALA B 95 -9.02 -21.46 7.63
C ALA B 95 -8.72 -20.17 6.80
N ARG B 96 -7.46 -19.99 6.39
CA ARG B 96 -7.01 -18.87 5.61
C ARG B 96 -7.54 -18.99 4.20
N LYS B 97 -7.48 -20.20 3.61
CA LYS B 97 -8.23 -20.41 2.37
C LYS B 97 -9.65 -19.85 2.45
N ARG B 98 -10.39 -20.23 3.49
CA ARG B 98 -11.82 -19.91 3.57
C ARG B 98 -12.09 -18.39 3.74
N ARG B 99 -11.24 -17.75 4.55
CA ARG B 99 -11.29 -16.33 4.81
C ARG B 99 -11.00 -15.49 3.57
N MET B 100 -10.05 -15.97 2.76
CA MET B 100 -9.67 -15.35 1.49
C MET B 100 -10.81 -15.50 0.52
N PHE B 101 -11.34 -16.71 0.45
CA PHE B 101 -12.55 -16.92 -0.34
C PHE B 101 -13.75 -16.00 0.05
N ASP B 102 -13.99 -15.77 1.36
CA ASP B 102 -15.17 -15.03 1.70
C ASP B 102 -14.92 -13.52 1.43
N LEU B 103 -13.67 -13.09 1.54
CA LEU B 103 -13.30 -11.69 1.20
C LEU B 103 -13.52 -11.37 -0.29
N LEU B 104 -13.06 -12.23 -1.17
CA LEU B 104 -13.27 -12.09 -2.57
C LEU B 104 -14.72 -12.04 -2.98
N VAL B 105 -15.53 -12.91 -2.36
CA VAL B 105 -16.97 -12.96 -2.65
C VAL B 105 -17.60 -11.62 -2.27
N ARG B 106 -17.23 -11.20 -1.05
CA ARG B 106 -17.74 -10.02 -0.40
C ARG B 106 -17.24 -8.71 -1.04
N MET B 107 -16.07 -8.73 -1.70
CA MET B 107 -15.63 -7.59 -2.46
C MET B 107 -16.42 -7.47 -3.77
N GLY B 108 -17.01 -8.57 -4.21
CA GLY B 108 -17.79 -8.60 -5.45
C GLY B 108 -17.17 -9.29 -6.67
N TYR B 109 -16.11 -10.11 -6.47
CA TYR B 109 -15.60 -10.92 -7.59
C TYR B 109 -16.50 -12.09 -7.87
N LYS B 110 -16.56 -12.44 -9.16
CA LYS B 110 -17.55 -13.34 -9.77
C LYS B 110 -16.84 -14.58 -10.33
N GLU B 111 -15.56 -14.46 -10.66
CA GLU B 111 -14.72 -15.61 -11.04
C GLU B 111 -13.55 -15.73 -10.08
N ILE B 112 -13.43 -16.86 -9.41
CA ILE B 112 -12.42 -17.01 -8.36
C ILE B 112 -11.75 -18.37 -8.60
N GLU B 113 -10.43 -18.35 -8.83
CA GLU B 113 -9.72 -19.61 -9.06
C GLU B 113 -9.37 -20.09 -7.67
N VAL B 114 -9.94 -21.23 -7.26
CA VAL B 114 -9.92 -21.73 -5.86
C VAL B 114 -8.85 -22.76 -5.55
N GLY B 115 -8.19 -23.26 -6.59
CA GLY B 115 -7.02 -24.10 -6.42
C GLY B 115 -6.65 -24.91 -7.64
N PHE B 116 -5.84 -25.93 -7.35
CA PHE B 116 -5.26 -26.88 -8.30
C PHE B 116 -5.56 -28.28 -7.71
N PRO B 117 -6.86 -28.69 -7.61
CA PRO B 117 -7.28 -29.88 -6.78
C PRO B 117 -6.76 -31.25 -7.21
N SER B 118 -6.41 -31.39 -8.50
CA SER B 118 -5.74 -32.58 -9.01
C SER B 118 -4.25 -32.68 -8.60
N ALA B 119 -3.68 -31.58 -8.13
CA ALA B 119 -2.28 -31.54 -7.79
C ALA B 119 -1.99 -31.44 -6.30
N SER B 120 -3.04 -31.27 -5.50
CA SER B 120 -2.93 -30.82 -4.13
C SER B 120 -4.09 -31.41 -3.41
N GLN B 121 -3.89 -32.37 -2.51
CA GLN B 121 -5.05 -32.86 -1.77
C GLN B 121 -5.73 -31.80 -0.94
N THR B 122 -4.95 -30.88 -0.39
CA THR B 122 -5.54 -29.74 0.37
C THR B 122 -6.41 -28.78 -0.51
N ASP B 123 -6.05 -28.60 -1.78
CA ASP B 123 -6.93 -27.93 -2.76
C ASP B 123 -8.23 -28.70 -3.02
N PHE B 124 -8.10 -30.03 -3.17
CA PHE B 124 -9.21 -30.97 -3.33
C PHE B 124 -10.23 -30.86 -2.17
N ASP B 125 -9.74 -30.97 -0.93
CA ASP B 125 -10.52 -30.80 0.31
C ASP B 125 -11.21 -29.44 0.29
N PHE B 126 -10.43 -28.38 0.03
CA PHE B 126 -11.02 -27.06 -0.04
C PHE B 126 -12.20 -26.91 -1.04
N VAL B 127 -11.98 -27.28 -2.30
CA VAL B 127 -13.07 -27.31 -3.30
C VAL B 127 -14.27 -28.17 -2.82
N ARG B 128 -14.02 -29.36 -2.22
CA ARG B 128 -15.12 -30.15 -1.63
C ARG B 128 -15.93 -29.33 -0.59
N GLU B 129 -15.24 -28.78 0.41
CA GLU B 129 -15.81 -27.90 1.43
C GLU B 129 -16.74 -26.86 0.87
N ILE B 130 -16.23 -26.05 -0.04
CA ILE B 130 -17.06 -24.95 -0.52
C ILE B 130 -18.24 -25.46 -1.32
N ILE B 131 -18.12 -26.60 -2.02
CA ILE B 131 -19.28 -27.15 -2.71
C ILE B 131 -20.22 -27.68 -1.66
N GLU B 132 -19.69 -28.50 -0.76
CA GLU B 132 -20.59 -29.17 0.17
C GLU B 132 -21.34 -28.27 1.16
N GLN B 133 -20.74 -27.16 1.56
CA GLN B 133 -21.36 -26.32 2.60
C GLN B 133 -22.05 -25.07 2.12
N GLY B 134 -22.20 -24.98 0.80
CA GLY B 134 -22.96 -23.95 0.17
C GLY B 134 -22.35 -22.59 0.28
N ALA B 135 -21.00 -22.52 0.35
CA ALA B 135 -20.27 -21.21 0.43
C ALA B 135 -20.29 -20.36 -0.88
N ILE B 136 -20.68 -20.99 -1.99
CA ILE B 136 -20.61 -20.30 -3.26
C ILE B 136 -21.95 -19.65 -3.66
N PRO B 137 -22.00 -18.30 -3.77
CA PRO B 137 -23.20 -17.66 -4.25
C PRO B 137 -23.54 -18.07 -5.66
N ASP B 138 -24.81 -17.85 -6.07
CA ASP B 138 -25.29 -18.29 -7.39
C ASP B 138 -24.78 -17.42 -8.52
N ASP B 139 -24.30 -16.19 -8.22
CA ASP B 139 -23.58 -15.44 -9.27
C ASP B 139 -22.05 -15.62 -9.29
N VAL B 140 -21.51 -16.63 -8.57
CA VAL B 140 -20.04 -16.84 -8.51
C VAL B 140 -19.66 -18.10 -9.24
N THR B 141 -18.61 -18.05 -10.06
CA THR B 141 -18.18 -19.27 -10.75
C THR B 141 -16.82 -19.60 -10.18
N ILE B 142 -16.71 -20.77 -9.55
CA ILE B 142 -15.40 -21.25 -9.15
C ILE B 142 -14.57 -21.74 -10.39
N GLN B 143 -13.25 -21.58 -10.28
CA GLN B 143 -12.33 -21.95 -11.36
C GLN B 143 -11.25 -22.83 -10.82
N VAL B 144 -10.96 -23.92 -11.52
CA VAL B 144 -9.94 -24.81 -10.96
C VAL B 144 -8.89 -24.99 -12.03
N LEU B 145 -7.61 -24.94 -11.63
CA LEU B 145 -6.50 -25.14 -12.54
C LEU B 145 -6.18 -26.64 -12.70
N THR B 146 -5.89 -27.05 -13.94
CA THR B 146 -5.35 -28.38 -14.14
C THR B 146 -4.28 -28.44 -15.26
N GLN B 147 -3.34 -29.39 -15.18
CA GLN B 147 -2.54 -29.69 -16.37
C GLN B 147 -3.28 -30.72 -17.19
N CYS B 148 -2.74 -31.02 -18.36
CA CYS B 148 -3.52 -31.67 -19.42
C CYS B 148 -3.51 -33.17 -19.37
N ARG B 149 -2.83 -33.75 -18.39
CA ARG B 149 -2.83 -35.20 -18.25
C ARG B 149 -4.24 -35.63 -17.89
N PRO B 150 -4.76 -36.66 -18.63
CA PRO B 150 -6.18 -37.00 -18.62
C PRO B 150 -6.70 -37.40 -17.26
N GLU B 151 -5.85 -38.00 -16.44
CA GLU B 151 -6.27 -38.44 -15.10
C GLU B 151 -6.30 -37.28 -14.10
N LEU B 152 -5.47 -36.28 -14.34
CA LEU B 152 -5.50 -35.05 -13.60
C LEU B 152 -6.79 -34.24 -13.93
N ILE B 153 -7.16 -34.27 -15.22
CA ILE B 153 -8.43 -33.72 -15.68
C ILE B 153 -9.65 -34.49 -15.14
N GLU B 154 -9.63 -35.82 -15.13
CA GLU B 154 -10.69 -36.60 -14.48
C GLU B 154 -10.98 -36.16 -13.05
N ARG B 155 -9.92 -36.10 -12.22
CA ARG B 155 -9.90 -35.63 -10.81
C ARG B 155 -10.20 -34.14 -10.63
N THR B 156 -10.07 -33.37 -11.72
CA THR B 156 -10.52 -31.99 -11.63
C THR B 156 -12.05 -31.93 -11.62
N PHE B 157 -12.67 -32.72 -12.48
CA PHE B 157 -14.11 -32.79 -12.51
C PHE B 157 -14.67 -33.35 -11.21
N GLN B 158 -14.06 -34.42 -10.71
CA GLN B 158 -14.42 -35.02 -9.43
C GLN B 158 -14.36 -34.04 -8.25
N ALA B 159 -13.29 -33.24 -8.19
CA ALA B 159 -13.18 -32.15 -7.25
C ALA B 159 -14.48 -31.36 -7.31
N CYS B 160 -14.90 -31.07 -8.53
CA CYS B 160 -15.99 -30.13 -8.77
C CYS B 160 -17.39 -30.66 -8.67
N SER B 161 -17.55 -31.98 -8.56
CA SER B 161 -18.85 -32.64 -8.45
C SER B 161 -19.87 -31.94 -7.54
N GLY B 162 -21.04 -31.58 -8.07
CA GLY B 162 -22.06 -30.83 -7.31
C GLY B 162 -22.03 -29.29 -7.47
N ALA B 163 -20.99 -28.74 -8.11
CA ALA B 163 -20.95 -27.28 -8.41
C ALA B 163 -22.05 -27.02 -9.43
N PRO B 164 -22.82 -25.90 -9.28
CA PRO B 164 -23.85 -25.72 -10.34
C PRO B 164 -23.20 -25.30 -11.64
N ARG B 165 -21.97 -24.83 -11.49
CA ARG B 165 -21.20 -24.25 -12.54
C ARG B 165 -19.73 -24.05 -12.13
N ALA B 166 -18.84 -24.25 -13.10
CA ALA B 166 -17.38 -24.23 -12.86
C ALA B 166 -16.62 -23.92 -14.16
N ILE B 167 -15.51 -23.23 -14.02
CA ILE B 167 -14.51 -23.05 -15.12
C ILE B 167 -13.33 -24.01 -14.92
N VAL B 168 -13.15 -24.90 -15.89
CA VAL B 168 -11.95 -25.73 -15.88
C VAL B 168 -10.88 -25.00 -16.69
N HIS B 169 -9.87 -24.55 -15.97
CA HIS B 169 -8.74 -23.90 -16.51
C HIS B 169 -7.59 -24.91 -16.80
N PHE B 170 -7.43 -25.26 -18.09
CA PHE B 170 -6.33 -26.16 -18.45
C PHE B 170 -5.23 -25.39 -19.19
N TYR B 171 -4.00 -25.90 -19.11
CA TYR B 171 -2.84 -25.18 -19.65
C TYR B 171 -1.69 -26.13 -20.00
N ASN B 172 -0.76 -25.60 -20.80
CA ASN B 172 0.47 -26.27 -21.09
C ASN B 172 1.43 -25.21 -21.59
N SER B 173 2.74 -25.40 -21.34
CA SER B 173 3.75 -24.43 -21.74
CA SER B 173 3.72 -24.40 -21.72
C SER B 173 3.96 -24.46 -23.22
N THR B 174 3.94 -23.29 -23.85
CA THR B 174 4.08 -23.21 -25.32
C THR B 174 5.29 -22.34 -25.75
N SER B 175 6.09 -21.79 -24.81
CA SER B 175 7.27 -20.93 -25.19
C SER B 175 8.29 -21.58 -26.17
N ILE B 176 8.91 -20.75 -27.01
CA ILE B 176 10.04 -21.19 -27.86
C ILE B 176 11.04 -21.97 -26.99
N LEU B 177 11.49 -21.38 -25.88
CA LEU B 177 12.47 -22.06 -25.06
C LEU B 177 11.95 -23.34 -24.39
N GLN B 178 10.68 -23.46 -24.00
CA GLN B 178 10.28 -24.67 -23.27
C GLN B 178 10.10 -25.83 -24.20
N ARG B 179 9.62 -25.55 -25.42
CA ARG B 179 9.27 -26.58 -26.47
C ARG B 179 10.59 -27.25 -26.86
N ARG B 180 11.65 -26.43 -26.82
CA ARG B 180 13.00 -26.83 -27.21
C ARG B 180 13.77 -27.63 -26.16
N VAL B 181 13.87 -27.11 -24.93
CA VAL B 181 14.71 -27.69 -23.88
C VAL B 181 13.93 -28.41 -22.75
N VAL B 182 12.66 -28.05 -22.52
CA VAL B 182 11.84 -28.73 -21.50
C VAL B 182 11.16 -29.93 -22.13
N PHE B 183 10.48 -29.74 -23.26
CA PHE B 183 9.71 -30.80 -23.90
C PHE B 183 10.47 -31.49 -25.02
N ARG B 184 11.53 -30.82 -25.53
CA ARG B 184 12.29 -31.30 -26.70
C ARG B 184 11.32 -31.80 -27.80
N ALA B 185 10.36 -30.90 -28.06
CA ALA B 185 9.15 -31.20 -28.81
C ALA B 185 8.88 -30.24 -29.95
N ASN B 186 8.24 -30.75 -31.01
CA ASN B 186 7.80 -29.92 -32.07
C ASN B 186 6.41 -29.29 -31.78
N ARG B 187 6.06 -28.32 -32.66
CA ARG B 187 4.84 -27.57 -32.65
C ARG B 187 3.56 -28.37 -32.63
N ALA B 188 3.50 -29.44 -33.43
CA ALA B 188 2.31 -30.28 -33.45
C ALA B 188 2.21 -31.05 -32.19
N GLU B 189 3.37 -31.45 -31.64
CA GLU B 189 3.38 -32.23 -30.39
C GLU B 189 2.88 -31.45 -29.19
N VAL B 190 3.36 -30.20 -29.04
CA VAL B 190 2.98 -29.29 -27.98
C VAL B 190 1.52 -28.81 -28.16
N GLN B 191 1.06 -28.59 -29.39
CA GLN B 191 -0.37 -28.32 -29.66
C GLN B 191 -1.32 -29.46 -29.21
N ALA B 192 -0.94 -30.69 -29.51
CA ALA B 192 -1.65 -31.90 -29.14
C ALA B 192 -1.75 -32.10 -27.63
N ILE B 193 -0.78 -31.66 -26.87
CA ILE B 193 -0.94 -31.71 -25.41
C ILE B 193 -2.26 -30.99 -25.00
N ALA B 194 -2.51 -29.85 -25.65
CA ALA B 194 -3.61 -28.92 -25.39
C ALA B 194 -4.88 -29.40 -26.03
N THR B 195 -4.81 -29.87 -27.28
CA THR B 195 -6.02 -30.42 -27.92
C THR B 195 -6.49 -31.70 -27.27
N ASP B 196 -5.58 -32.59 -26.88
CA ASP B 196 -5.96 -33.78 -26.14
C ASP B 196 -6.57 -33.40 -24.81
N GLY B 197 -5.97 -32.37 -24.17
CA GLY B 197 -6.49 -31.80 -22.90
C GLY B 197 -7.94 -31.34 -23.09
N ALA B 198 -8.17 -30.68 -24.21
CA ALA B 198 -9.47 -30.10 -24.55
C ALA B 198 -10.54 -31.18 -24.78
N ARG B 199 -10.18 -32.17 -25.60
CA ARG B 199 -10.95 -33.40 -25.83
C ARG B 199 -11.37 -34.07 -24.54
N LYS B 200 -10.41 -34.25 -23.63
CA LYS B 200 -10.71 -34.90 -22.33
C LYS B 200 -11.70 -34.07 -21.55
N CYS B 201 -11.62 -32.74 -21.71
CA CYS B 201 -12.54 -31.81 -20.99
C CYS B 201 -13.93 -31.95 -21.51
N VAL B 202 -14.05 -32.04 -22.85
CA VAL B 202 -15.36 -32.25 -23.49
C VAL B 202 -16.08 -33.55 -23.05
N GLU B 203 -15.28 -34.61 -22.89
CA GLU B 203 -15.83 -35.92 -22.55
C GLU B 203 -16.22 -35.95 -21.08
N GLN B 204 -15.49 -35.20 -20.26
CA GLN B 204 -15.76 -35.20 -18.82
C GLN B 204 -17.00 -34.38 -18.50
N ALA B 205 -17.10 -33.20 -19.06
CA ALA B 205 -18.28 -32.41 -19.00
C ALA B 205 -19.63 -33.16 -19.33
N ALA B 206 -19.58 -34.04 -20.33
CA ALA B 206 -20.72 -34.85 -20.76
C ALA B 206 -21.04 -35.92 -19.69
N LYS B 207 -20.02 -36.42 -18.99
CA LYS B 207 -20.23 -37.33 -17.87
C LYS B 207 -20.80 -36.63 -16.62
N TYR B 208 -20.91 -35.28 -16.62
CA TYR B 208 -21.48 -34.51 -15.49
C TYR B 208 -22.52 -33.43 -15.85
N PRO B 209 -23.72 -33.85 -16.36
CA PRO B 209 -24.76 -32.87 -16.81
C PRO B 209 -25.32 -31.95 -15.71
N GLY B 210 -25.14 -32.34 -14.45
CA GLY B 210 -25.48 -31.48 -13.31
C GLY B 210 -24.71 -30.16 -13.07
N THR B 211 -23.53 -30.03 -13.68
CA THR B 211 -22.75 -28.79 -13.67
C THR B 211 -22.80 -28.15 -15.04
N GLN B 212 -22.95 -26.83 -15.08
CA GLN B 212 -22.76 -26.03 -16.27
C GLN B 212 -21.26 -25.82 -16.44
N TRP B 213 -20.64 -26.54 -17.34
CA TRP B 213 -19.14 -26.40 -17.50
C TRP B 213 -18.66 -25.33 -18.51
N ARG B 214 -17.69 -24.53 -18.07
CA ARG B 214 -17.00 -23.59 -18.92
C ARG B 214 -15.49 -23.85 -18.90
N PHE B 215 -14.82 -23.45 -19.97
CA PHE B 215 -13.39 -23.75 -20.19
C PHE B 215 -12.54 -22.50 -20.25
N GLU B 216 -11.33 -22.60 -19.72
CA GLU B 216 -10.33 -21.59 -19.95
C GLU B 216 -9.10 -22.37 -20.44
N TYR B 217 -8.45 -21.87 -21.49
CA TYR B 217 -7.15 -22.42 -21.91
C TYR B 217 -6.03 -21.33 -21.84
N SER B 218 -4.89 -21.64 -21.23
CA SER B 218 -3.73 -20.73 -21.18
C SER B 218 -2.60 -21.43 -21.98
N PRO B 219 -2.09 -20.77 -23.04
CA PRO B 219 -0.80 -21.08 -23.61
C PRO B 219 0.26 -20.52 -22.62
N GLU B 220 0.70 -21.39 -21.71
CA GLU B 220 1.50 -20.92 -20.59
C GLU B 220 2.87 -20.39 -21.13
N SER B 221 3.37 -19.26 -20.62
CA SER B 221 4.60 -18.66 -21.11
C SER B 221 4.27 -18.07 -22.50
N TYR B 222 2.99 -17.69 -22.66
CA TYR B 222 2.61 -16.94 -23.85
C TYR B 222 3.62 -15.86 -24.30
N THR B 223 4.11 -15.02 -23.39
CA THR B 223 5.03 -13.93 -23.73
C THR B 223 6.37 -14.42 -24.32
N GLY B 224 6.70 -15.72 -24.18
CA GLY B 224 7.88 -16.25 -24.82
C GLY B 224 7.56 -17.17 -26.00
N THR B 225 6.34 -17.01 -26.56
CA THR B 225 5.78 -17.81 -27.66
C THR B 225 5.52 -16.90 -28.87
N GLU B 226 5.80 -17.41 -30.09
CA GLU B 226 5.35 -16.79 -31.36
C GLU B 226 3.84 -16.56 -31.35
N LEU B 227 3.40 -15.34 -31.55
CA LEU B 227 1.96 -15.08 -31.62
C LEU B 227 1.18 -15.94 -32.64
N GLU B 228 1.78 -16.23 -33.80
CA GLU B 228 1.04 -17.07 -34.80
C GLU B 228 0.83 -18.48 -34.23
N TYR B 229 1.78 -18.95 -33.41
CA TYR B 229 1.65 -20.28 -32.82
C TYR B 229 0.64 -20.25 -31.65
N ALA B 230 0.67 -19.22 -30.83
CA ALA B 230 -0.34 -19.00 -29.77
C ALA B 230 -1.76 -19.03 -30.35
N LYS B 231 -1.99 -18.28 -31.45
CA LYS B 231 -3.25 -18.28 -32.21
C LYS B 231 -3.58 -19.69 -32.71
N GLN B 232 -2.61 -20.35 -33.35
CA GLN B 232 -2.78 -21.74 -33.86
C GLN B 232 -3.26 -22.73 -32.77
N VAL B 233 -2.54 -22.80 -31.66
CA VAL B 233 -2.96 -23.63 -30.47
C VAL B 233 -4.33 -23.26 -29.89
N CYS B 234 -4.58 -22.00 -29.62
CA CYS B 234 -5.90 -21.57 -29.15
C CYS B 234 -7.04 -21.95 -30.14
N ASP B 235 -6.89 -21.57 -31.42
CA ASP B 235 -7.88 -21.89 -32.47
C ASP B 235 -8.16 -23.36 -32.46
N ALA B 236 -7.07 -24.15 -32.41
CA ALA B 236 -7.14 -25.63 -32.36
C ALA B 236 -7.95 -26.09 -31.12
N VAL B 237 -7.61 -25.59 -29.92
CA VAL B 237 -8.41 -25.82 -28.69
C VAL B 237 -9.87 -25.40 -28.87
N GLY B 238 -10.13 -24.23 -29.45
CA GLY B 238 -11.50 -23.76 -29.69
C GLY B 238 -12.33 -24.68 -30.62
N GLU B 239 -11.66 -25.28 -31.60
CA GLU B 239 -12.31 -26.21 -32.51
C GLU B 239 -12.91 -27.41 -31.76
N VAL B 240 -12.20 -27.84 -30.73
CA VAL B 240 -12.55 -28.99 -29.90
C VAL B 240 -13.70 -28.62 -28.91
N ILE B 241 -13.53 -27.54 -28.15
CA ILE B 241 -14.51 -27.11 -27.17
C ILE B 241 -15.80 -26.65 -27.88
N ALA B 242 -15.65 -26.07 -29.07
CA ALA B 242 -16.75 -25.55 -29.86
C ALA B 242 -17.59 -24.53 -29.10
N PRO B 243 -16.99 -23.39 -28.74
CA PRO B 243 -17.80 -22.41 -27.99
C PRO B 243 -18.66 -21.54 -28.94
N THR B 244 -19.63 -20.84 -28.34
CA THR B 244 -20.58 -19.98 -29.04
C THR B 244 -20.59 -18.64 -28.28
N PRO B 245 -21.28 -17.60 -28.81
CA PRO B 245 -21.41 -16.30 -28.08
C PRO B 245 -22.05 -16.37 -26.68
N GLU B 246 -22.99 -17.31 -26.52
CA GLU B 246 -23.68 -17.62 -25.29
C GLU B 246 -22.86 -18.55 -24.35
N ARG B 247 -22.09 -19.45 -24.95
CA ARG B 247 -21.23 -20.39 -24.21
C ARG B 247 -19.74 -20.16 -24.64
N PRO B 248 -19.16 -18.97 -24.31
CA PRO B 248 -17.77 -18.75 -24.82
C PRO B 248 -16.62 -19.42 -23.99
N ILE B 249 -15.42 -19.38 -24.55
CA ILE B 249 -14.24 -19.93 -23.96
C ILE B 249 -13.40 -18.77 -23.55
N ILE B 250 -12.69 -18.94 -22.45
CA ILE B 250 -11.68 -17.98 -22.09
C ILE B 250 -10.36 -18.49 -22.64
N PHE B 251 -9.73 -17.68 -23.48
CA PHE B 251 -8.31 -17.79 -23.79
C PHE B 251 -7.57 -16.82 -22.90
N ASN B 252 -6.77 -17.38 -21.98
CA ASN B 252 -5.98 -16.61 -21.00
C ASN B 252 -4.51 -16.47 -21.45
N LEU B 253 -4.02 -15.27 -21.60
CA LEU B 253 -2.69 -14.98 -22.26
C LEU B 253 -1.70 -14.47 -21.22
N PRO B 254 -1.01 -15.38 -20.52
CA PRO B 254 -0.17 -14.92 -19.44
C PRO B 254 1.23 -14.39 -19.85
N ALA B 255 1.68 -13.32 -19.21
CA ALA B 255 3.11 -13.01 -19.15
C ALA B 255 3.67 -13.78 -17.92
N THR B 256 3.85 -15.11 -18.04
CA THR B 256 4.31 -15.97 -17.00
C THR B 256 5.63 -15.41 -16.43
N VAL B 257 6.54 -15.06 -17.35
CA VAL B 257 7.59 -14.09 -17.11
C VAL B 257 7.18 -12.88 -17.92
N GLU B 258 7.17 -11.73 -17.24
CA GLU B 258 7.06 -10.41 -17.88
C GLU B 258 8.42 -10.11 -18.56
N MET B 259 8.41 -10.26 -19.87
CA MET B 259 9.64 -10.27 -20.69
C MET B 259 10.01 -8.89 -21.33
N THR B 260 9.02 -8.01 -21.42
CA THR B 260 9.33 -6.73 -21.97
C THR B 260 8.35 -5.65 -21.53
N THR B 261 8.44 -4.47 -22.16
CA THR B 261 7.62 -3.30 -21.88
C THR B 261 6.12 -3.51 -22.19
N PRO B 262 5.25 -2.91 -21.39
CA PRO B 262 3.81 -3.21 -21.47
C PRO B 262 3.08 -2.92 -22.83
N ASN B 263 3.66 -2.02 -23.59
CA ASN B 263 3.20 -1.68 -24.95
C ASN B 263 3.33 -2.83 -25.96
N VAL B 264 4.36 -3.65 -25.77
CA VAL B 264 4.61 -4.76 -26.65
C VAL B 264 3.62 -5.85 -26.22
N TYR B 265 3.43 -6.05 -24.91
CA TYR B 265 2.38 -6.89 -24.44
C TYR B 265 1.01 -6.47 -25.06
N ALA B 266 0.68 -5.19 -24.90
CA ALA B 266 -0.54 -4.60 -25.48
C ALA B 266 -0.74 -4.85 -26.99
N ASP B 267 0.36 -4.71 -27.73
CA ASP B 267 0.41 -4.93 -29.18
C ASP B 267 0.07 -6.38 -29.44
N SER B 268 0.55 -7.25 -28.55
CA SER B 268 0.34 -8.68 -28.73
C SER B 268 -1.12 -9.06 -28.48
N ILE B 269 -1.76 -8.44 -27.48
CA ILE B 269 -3.15 -8.67 -27.14
C ILE B 269 -4.06 -8.12 -28.23
N GLU B 270 -3.76 -6.93 -28.75
CA GLU B 270 -4.50 -6.39 -29.87
C GLU B 270 -4.41 -7.33 -31.10
N TRP B 271 -3.21 -7.86 -31.38
CA TRP B 271 -3.08 -8.78 -32.52
C TRP B 271 -3.97 -10.04 -32.28
N MET B 272 -3.99 -10.48 -31.03
CA MET B 272 -4.67 -11.74 -30.74
C MET B 272 -6.18 -11.53 -30.77
N SER B 273 -6.60 -10.38 -30.30
CA SER B 273 -7.97 -9.99 -30.30
C SER B 273 -8.55 -9.93 -31.74
N ARG B 274 -7.82 -9.37 -32.71
CA ARG B 274 -8.23 -9.34 -34.11
C ARG B 274 -8.03 -10.61 -34.88
N ASN B 275 -7.21 -11.52 -34.42
CA ASN B 275 -6.80 -12.66 -35.29
C ASN B 275 -7.27 -14.07 -34.85
N LEU B 276 -7.47 -14.31 -33.56
CA LEU B 276 -8.13 -15.52 -33.11
C LEU B 276 -9.41 -15.83 -33.95
N ALA B 277 -9.60 -17.12 -34.30
CA ALA B 277 -10.85 -17.59 -34.96
C ALA B 277 -11.97 -17.46 -33.98
N ASN B 278 -13.17 -17.15 -34.48
CA ASN B 278 -14.37 -17.21 -33.66
C ASN B 278 -14.27 -16.25 -32.44
N ARG B 279 -13.86 -15.01 -32.76
CA ARG B 279 -13.58 -14.05 -31.74
C ARG B 279 -14.81 -13.72 -30.85
N GLU B 280 -16.02 -13.89 -31.41
CA GLU B 280 -17.28 -13.58 -30.73
C GLU B 280 -17.59 -14.68 -29.72
N SER B 281 -16.92 -15.80 -29.85
CA SER B 281 -17.07 -16.84 -28.85
C SER B 281 -15.88 -16.96 -27.87
N VAL B 282 -15.14 -15.86 -27.73
CA VAL B 282 -13.95 -15.78 -26.92
C VAL B 282 -14.05 -14.72 -25.83
N ILE B 283 -13.79 -15.10 -24.59
CA ILE B 283 -13.44 -14.11 -23.53
C ILE B 283 -11.88 -14.01 -23.48
N LEU B 284 -11.30 -12.89 -23.93
CA LEU B 284 -9.89 -12.66 -23.91
C LEU B 284 -9.37 -12.23 -22.53
N SER B 285 -8.60 -13.14 -21.91
CA SER B 285 -8.15 -12.96 -20.56
C SER B 285 -6.63 -12.69 -20.50
N LEU B 286 -6.27 -11.75 -19.61
CA LEU B 286 -4.89 -11.37 -19.36
C LEU B 286 -4.47 -11.91 -17.99
N HIS B 287 -3.21 -12.37 -17.95
CA HIS B 287 -2.60 -12.83 -16.73
C HIS B 287 -1.13 -12.33 -16.64
N PRO B 288 -0.96 -11.05 -16.31
CA PRO B 288 0.39 -10.50 -16.25
C PRO B 288 1.16 -10.79 -14.95
N HIS B 289 2.42 -11.19 -15.05
CA HIS B 289 3.33 -11.16 -13.89
C HIS B 289 4.17 -9.85 -13.81
N ASN B 290 4.98 -9.69 -12.78
CA ASN B 290 5.57 -8.40 -12.46
C ASN B 290 7.13 -8.33 -12.52
N ASP B 291 7.77 -9.11 -13.38
CA ASP B 291 9.28 -9.30 -13.40
C ASP B 291 10.05 -8.04 -13.72
N ARG B 292 9.37 -7.17 -14.45
CA ARG B 292 9.92 -5.93 -14.92
C ARG B 292 9.30 -4.72 -14.22
N GLY B 293 8.45 -5.00 -13.22
CA GLY B 293 7.80 -4.00 -12.45
C GLY B 293 6.63 -3.29 -13.11
N THR B 294 6.16 -3.81 -14.24
CA THR B 294 5.15 -3.08 -15.05
C THR B 294 3.89 -3.92 -15.30
N ALA B 295 3.55 -4.81 -14.39
CA ALA B 295 2.45 -5.71 -14.54
C ALA B 295 1.09 -4.95 -14.57
N VAL B 296 0.93 -3.94 -13.72
CA VAL B 296 -0.27 -3.07 -13.79
C VAL B 296 -0.43 -2.42 -15.21
N ALA B 297 0.67 -1.86 -15.75
CA ALA B 297 0.70 -1.21 -17.07
C ALA B 297 0.33 -2.17 -18.22
N ALA B 298 0.84 -3.40 -18.18
CA ALA B 298 0.51 -4.46 -19.12
C ALA B 298 -0.99 -4.80 -19.12
N ALA B 299 -1.56 -4.96 -17.89
CA ALA B 299 -3.01 -5.19 -17.74
C ALA B 299 -3.79 -3.98 -18.30
N GLU B 300 -3.37 -2.77 -17.99
CA GLU B 300 -4.17 -1.62 -18.37
C GLU B 300 -4.10 -1.36 -19.88
N LEU B 301 -2.89 -1.47 -20.45
CA LEU B 301 -2.66 -1.32 -21.88
C LEU B 301 -3.30 -2.46 -22.69
N GLY B 302 -3.16 -3.67 -22.16
CA GLY B 302 -3.71 -4.85 -22.80
C GLY B 302 -5.23 -4.84 -22.72
N PHE B 303 -5.80 -4.35 -21.63
CA PHE B 303 -7.29 -4.14 -21.58
C PHE B 303 -7.78 -3.12 -22.65
N ALA B 304 -7.15 -1.97 -22.73
CA ALA B 304 -7.32 -1.05 -23.82
C ALA B 304 -7.19 -1.75 -25.20
N ALA B 305 -6.31 -2.74 -25.30
CA ALA B 305 -6.05 -3.44 -26.59
C ALA B 305 -7.15 -4.41 -27.05
N GLY B 306 -8.20 -4.61 -26.23
CA GLY B 306 -9.31 -5.49 -26.61
C GLY B 306 -9.52 -6.76 -25.78
N ALA B 307 -8.69 -6.99 -24.77
CA ALA B 307 -9.05 -8.00 -23.76
C ALA B 307 -10.37 -7.68 -23.02
N ASP B 308 -11.06 -8.74 -22.59
CA ASP B 308 -12.28 -8.71 -21.80
C ASP B 308 -12.18 -9.00 -20.31
N ARG B 309 -11.01 -9.47 -19.85
CA ARG B 309 -10.91 -10.06 -18.55
C ARG B 309 -9.49 -10.03 -18.05
N ILE B 310 -9.35 -9.99 -16.72
CA ILE B 310 -8.01 -9.87 -16.06
C ILE B 310 -7.93 -10.78 -14.82
N GLU B 311 -6.98 -11.72 -14.83
CA GLU B 311 -6.57 -12.51 -13.70
C GLU B 311 -5.48 -11.87 -12.86
N GLY B 312 -5.67 -11.86 -11.56
CA GLY B 312 -4.70 -11.24 -10.69
C GLY B 312 -4.98 -11.56 -9.29
N CYS B 313 -4.25 -10.89 -8.38
CA CYS B 313 -4.26 -11.13 -6.90
C CYS B 313 -4.44 -9.79 -6.13
N LEU B 314 -5.08 -9.81 -4.98
CA LEU B 314 -5.02 -8.66 -4.06
C LEU B 314 -3.59 -8.33 -3.64
N PHE B 315 -3.20 -7.07 -3.86
CA PHE B 315 -1.88 -6.56 -3.46
C PHE B 315 -0.70 -7.26 -4.16
N GLY B 316 -0.94 -7.77 -5.38
CA GLY B 316 0.19 -8.27 -6.21
C GLY B 316 0.80 -9.64 -5.78
N ASN B 317 0.06 -10.44 -5.01
CA ASN B 317 0.70 -11.67 -4.52
C ASN B 317 0.80 -12.66 -5.69
N GLY B 318 1.79 -13.53 -5.64
CA GLY B 318 2.01 -14.55 -6.66
C GLY B 318 3.49 -14.86 -6.67
N GLU B 319 3.85 -15.77 -7.56
CA GLU B 319 5.20 -16.27 -7.74
C GLU B 319 6.21 -15.12 -7.91
N ARG B 320 7.31 -15.21 -7.17
CA ARG B 320 8.39 -14.28 -7.32
C ARG B 320 7.96 -12.83 -7.16
N THR B 321 7.92 -12.06 -8.23
CA THR B 321 7.53 -10.63 -8.18
C THR B 321 6.02 -10.44 -8.21
N GLY B 322 5.25 -11.49 -8.44
CA GLY B 322 3.81 -11.50 -8.17
C GLY B 322 2.94 -11.40 -9.39
N ASN B 323 1.63 -11.50 -9.19
CA ASN B 323 0.62 -11.35 -10.24
C ASN B 323 0.24 -9.88 -10.24
N VAL B 324 -0.29 -9.32 -11.34
CA VAL B 324 -0.86 -7.94 -11.28
C VAL B 324 -1.79 -7.72 -10.07
N CYS B 325 -1.65 -6.54 -9.48
CA CYS B 325 -2.40 -6.21 -8.32
C CYS B 325 -3.79 -5.78 -8.72
N LEU B 326 -4.79 -6.56 -8.25
CA LEU B 326 -6.21 -6.24 -8.46
C LEU B 326 -6.70 -5.01 -7.71
N VAL B 327 -6.06 -4.67 -6.56
CA VAL B 327 -6.40 -3.40 -5.79
C VAL B 327 -5.99 -2.19 -6.62
N THR B 328 -4.77 -2.22 -7.19
CA THR B 328 -4.21 -1.08 -7.96
C THR B 328 -5.00 -0.91 -9.19
N LEU B 329 -5.35 -2.02 -9.85
CA LEU B 329 -6.17 -1.94 -11.03
C LEU B 329 -7.60 -1.41 -10.81
N GLY B 330 -8.25 -1.84 -9.73
CA GLY B 330 -9.60 -1.36 -9.39
C GLY B 330 -9.71 0.09 -9.03
N LEU B 331 -8.86 0.57 -8.13
CA LEU B 331 -8.83 1.97 -7.75
C LEU B 331 -8.20 2.87 -8.80
N ASN B 332 -7.32 2.32 -9.64
CA ASN B 332 -6.88 3.05 -10.84
C ASN B 332 -8.08 3.45 -11.79
N LEU B 333 -9.11 2.62 -11.79
CA LEU B 333 -10.41 2.93 -12.39
C LEU B 333 -11.19 3.89 -11.55
N PHE B 334 -11.47 3.53 -10.29
CA PHE B 334 -12.23 4.41 -9.40
C PHE B 334 -11.81 5.90 -9.46
N SER B 335 -10.50 6.12 -9.27
CA SER B 335 -9.87 7.43 -9.15
C SER B 335 -9.84 8.23 -10.47
N ARG B 336 -10.20 7.58 -11.57
CA ARG B 336 -10.37 8.24 -12.88
C ARG B 336 -11.79 8.16 -13.37
N GLY B 337 -12.72 7.88 -12.46
CA GLY B 337 -14.18 7.96 -12.68
C GLY B 337 -14.86 6.72 -13.23
N VAL B 338 -14.19 5.56 -13.22
CA VAL B 338 -14.78 4.37 -13.71
C VAL B 338 -15.09 3.47 -12.51
N ASP B 339 -16.32 3.00 -12.42
CA ASP B 339 -16.69 2.03 -11.40
C ASP B 339 -15.99 0.67 -11.56
N PRO B 340 -15.10 0.28 -10.62
CA PRO B 340 -14.39 -1.00 -10.68
C PRO B 340 -15.29 -2.24 -10.47
N GLN B 341 -16.48 -1.98 -9.91
CA GLN B 341 -17.51 -2.95 -9.63
C GLN B 341 -17.07 -3.88 -8.48
N ILE B 342 -16.07 -3.40 -7.75
CA ILE B 342 -15.50 -4.11 -6.64
C ILE B 342 -15.47 -3.08 -5.53
N ASP B 343 -15.83 -3.49 -4.29
CA ASP B 343 -15.79 -2.62 -3.13
C ASP B 343 -14.40 -2.52 -2.44
N PHE B 344 -13.85 -1.30 -2.35
CA PHE B 344 -12.57 -1.04 -1.71
C PHE B 344 -12.76 0.06 -0.69
N SER B 345 -14.00 0.18 -0.19
CA SER B 345 -14.28 1.34 0.62
C SER B 345 -13.67 1.20 2.04
N ASN B 346 -13.18 -0.01 2.38
CA ASN B 346 -12.38 -0.24 3.59
C ASN B 346 -11.10 -0.97 3.24
N ILE B 347 -10.11 -0.23 2.79
CA ILE B 347 -8.96 -0.87 2.26
C ILE B 347 -8.10 -1.51 3.35
N ASP B 348 -8.10 -0.91 4.56
CA ASP B 348 -7.42 -1.56 5.70
C ASP B 348 -8.03 -2.94 6.13
N GLU B 349 -9.35 -3.14 6.07
CA GLU B 349 -9.94 -4.48 6.21
C GLU B 349 -9.46 -5.43 5.15
N ILE B 350 -9.45 -5.02 3.90
CA ILE B 350 -8.82 -5.87 2.87
C ILE B 350 -7.34 -6.17 3.22
N ARG B 351 -6.55 -5.17 3.52
CA ARG B 351 -5.11 -5.37 3.80
C ARG B 351 -4.83 -6.38 4.94
N ARG B 352 -5.58 -6.24 6.04
CA ARG B 352 -5.49 -7.05 7.24
C ARG B 352 -5.83 -8.51 6.92
N THR B 353 -6.90 -8.69 6.17
CA THR B 353 -7.30 -10.03 5.75
C THR B 353 -6.26 -10.66 4.86
N VAL B 354 -5.77 -9.88 3.89
CA VAL B 354 -4.74 -10.32 2.94
C VAL B 354 -3.44 -10.71 3.67
N GLU B 355 -3.00 -9.89 4.63
CA GLU B 355 -1.77 -10.20 5.39
C GLU B 355 -1.94 -11.44 6.33
N TYR B 356 -3.09 -11.54 6.98
CA TYR B 356 -3.54 -12.79 7.64
C TYR B 356 -3.43 -14.07 6.75
N CYS B 357 -4.03 -14.06 5.56
CA CYS B 357 -4.01 -15.15 4.62
C CYS B 357 -2.61 -15.44 4.08
N ASN B 358 -1.94 -14.42 3.53
CA ASN B 358 -0.71 -14.71 2.85
C ASN B 358 0.46 -14.73 3.82
N GLN B 359 0.29 -14.07 4.97
CA GLN B 359 1.39 -13.95 5.94
C GLN B 359 2.66 -13.22 5.41
N LEU B 360 2.36 -12.20 4.62
CA LEU B 360 3.35 -11.39 3.94
C LEU B 360 2.69 -10.04 4.05
N PRO B 361 3.47 -9.04 4.38
CA PRO B 361 2.97 -7.70 4.57
C PRO B 361 2.73 -7.03 3.19
N VAL B 362 1.75 -6.14 3.13
CA VAL B 362 1.65 -5.15 2.04
C VAL B 362 2.71 -4.08 2.34
N HIS B 363 3.58 -3.77 1.38
CA HIS B 363 4.61 -2.70 1.54
C HIS B 363 4.01 -1.31 1.88
N GLU B 364 4.77 -0.57 2.70
CA GLU B 364 4.51 0.82 3.08
C GLU B 364 4.06 1.77 1.96
N ARG B 365 4.66 1.61 0.76
CA ARG B 365 4.38 2.43 -0.45
C ARG B 365 3.47 1.76 -1.44
N HIS B 366 2.86 0.65 -1.08
CA HIS B 366 1.99 -0.06 -2.04
C HIS B 366 0.88 0.86 -2.51
N PRO B 367 0.70 1.00 -3.85
CA PRO B 367 -0.39 1.92 -4.23
C PRO B 367 -1.72 1.66 -3.54
N TYR B 368 -2.31 2.77 -3.08
CA TYR B 368 -3.64 2.80 -2.40
C TYR B 368 -3.72 2.27 -0.98
N GLY B 369 -2.96 1.22 -0.68
CA GLY B 369 -3.09 0.45 0.57
C GLY B 369 -1.90 0.49 1.55
N GLY B 370 -0.74 0.96 1.11
CA GLY B 370 0.43 1.03 2.00
C GLY B 370 0.23 2.08 3.08
N ASP B 371 0.77 1.82 4.29
CA ASP B 371 0.91 2.80 5.42
C ASP B 371 1.20 4.26 5.12
N LEU B 372 2.11 4.53 4.20
CA LEU B 372 2.51 5.89 3.99
C LEU B 372 1.75 6.58 2.86
N VAL B 373 0.72 5.99 2.27
CA VAL B 373 0.26 6.55 0.99
C VAL B 373 -0.69 7.75 1.04
N TYR B 374 -1.16 8.07 2.25
CA TYR B 374 -2.08 9.20 2.46
C TYR B 374 -1.33 10.08 3.42
N THR B 375 0.00 9.94 3.48
CA THR B 375 0.73 10.84 4.33
C THR B 375 1.36 12.02 3.56
N ALA B 376 1.64 13.12 4.28
CA ALA B 376 2.45 14.10 3.64
C ALA B 376 3.49 14.53 4.64
N PHE B 377 4.76 14.57 4.21
CA PHE B 377 5.86 15.05 5.08
C PHE B 377 6.34 16.45 4.74
N SER B 378 6.14 16.82 3.47
CA SER B 378 6.51 18.16 3.01
C SER B 378 5.61 19.25 3.48
N GLY B 379 6.23 20.33 4.02
CA GLY B 379 5.53 21.50 4.60
C GLY B 379 4.67 22.15 3.51
N SER B 380 5.22 22.34 2.32
CA SER B 380 4.47 22.86 1.20
C SER B 380 3.41 21.91 0.66
N HIS B 381 3.68 20.61 0.62
CA HIS B 381 2.56 19.72 0.27
C HIS B 381 1.44 19.89 1.29
N GLN B 382 1.77 19.90 2.57
CA GLN B 382 0.78 20.07 3.65
C GLN B 382 -0.06 21.35 3.50
N ASP B 383 0.63 22.43 3.21
CA ASP B 383 -0.01 23.72 3.10
CA ASP B 383 -0.05 23.72 3.13
C ASP B 383 -1.03 23.68 1.93
N ALA B 384 -0.59 23.08 0.79
CA ALA B 384 -1.38 22.91 -0.45
C ALA B 384 -2.59 22.02 -0.27
N ILE B 385 -2.36 20.88 0.38
CA ILE B 385 -3.47 19.98 0.75
C ILE B 385 -4.55 20.78 1.57
N ASN B 386 -4.11 21.56 2.58
CA ASN B 386 -5.03 22.38 3.42
C ASN B 386 -5.79 23.39 2.64
N LYS B 387 -5.15 24.02 1.67
CA LYS B 387 -5.88 24.95 0.77
C LYS B 387 -6.85 24.24 -0.13
N GLY B 388 -6.46 23.11 -0.72
CA GLY B 388 -7.38 22.33 -1.51
C GLY B 388 -8.58 21.87 -0.67
N LEU B 389 -8.33 21.34 0.51
CA LEU B 389 -9.42 21.00 1.42
C LEU B 389 -10.36 22.19 1.76
N ASP B 390 -9.78 23.31 2.14
CA ASP B 390 -10.57 24.56 2.33
C ASP B 390 -11.45 25.05 1.19
N ALA B 391 -10.86 25.13 0.01
CA ALA B 391 -11.55 25.51 -1.19
C ALA B 391 -12.69 24.54 -1.53
N MET B 392 -12.49 23.23 -1.33
CA MET B 392 -13.61 22.28 -1.42
C MET B 392 -14.75 22.57 -0.44
N LYS B 393 -14.36 22.88 0.79
CA LYS B 393 -15.30 23.20 1.85
C LYS B 393 -16.09 24.53 1.61
N LEU B 394 -15.42 25.57 1.07
CA LEU B 394 -16.07 26.81 0.64
C LEU B 394 -17.10 26.49 -0.45
N ASP B 395 -16.67 25.77 -1.50
CA ASP B 395 -17.58 25.37 -2.63
C ASP B 395 -18.80 24.51 -2.23
N ALA B 396 -18.65 23.69 -1.20
CA ALA B 396 -19.76 22.92 -0.67
C ALA B 396 -20.81 23.79 0.03
N ASP B 397 -20.37 24.71 0.90
CA ASP B 397 -21.28 25.65 1.59
C ASP B 397 -22.05 26.51 0.60
N ALA B 398 -21.32 27.00 -0.42
CA ALA B 398 -21.92 27.80 -1.52
C ALA B 398 -23.02 27.01 -2.22
N ALA B 399 -22.70 25.79 -2.62
CA ALA B 399 -23.65 24.89 -3.26
C ALA B 399 -24.60 24.16 -2.29
N ASP B 400 -24.49 24.42 -0.99
CA ASP B 400 -25.33 23.77 0.04
CA ASP B 400 -25.35 23.76 0.03
C ASP B 400 -25.15 22.23 0.07
N CYS B 401 -23.94 21.76 -0.31
CA CYS B 401 -23.70 20.31 -0.46
C CYS B 401 -22.80 19.67 0.59
N ASP B 402 -22.89 18.35 0.69
CA ASP B 402 -21.92 17.69 1.54
C ASP B 402 -20.58 17.68 0.73
N VAL B 403 -19.54 18.24 1.33
CA VAL B 403 -18.21 18.25 0.73
C VAL B 403 -17.69 16.87 0.32
N ASP B 404 -18.09 15.83 1.04
CA ASP B 404 -17.78 14.44 0.77
C ASP B 404 -18.48 13.87 -0.45
N ASP B 405 -19.45 14.62 -1.02
CA ASP B 405 -20.12 14.22 -2.25
C ASP B 405 -19.58 14.97 -3.42
N MET B 406 -18.67 15.91 -3.24
CA MET B 406 -18.24 16.74 -4.38
C MET B 406 -16.88 16.29 -5.04
N LEU B 407 -16.61 16.87 -6.20
CA LEU B 407 -15.49 16.60 -7.04
C LEU B 407 -14.31 16.75 -6.14
N TRP B 408 -13.53 15.66 -6.00
CA TRP B 408 -12.28 15.77 -5.23
C TRP B 408 -11.23 16.56 -6.00
N GLN B 409 -10.75 17.61 -5.32
CA GLN B 409 -9.87 18.61 -5.86
C GLN B 409 -8.83 18.95 -4.83
N VAL B 410 -7.83 18.08 -4.63
CA VAL B 410 -6.85 18.34 -3.57
C VAL B 410 -5.50 17.95 -4.12
N PRO B 411 -4.57 18.93 -4.14
CA PRO B 411 -3.19 18.66 -4.64
C PRO B 411 -2.56 17.51 -3.84
N TYR B 412 -1.68 16.73 -4.53
CA TYR B 412 -0.93 15.59 -3.98
C TYR B 412 -1.73 14.39 -3.56
N LEU B 413 -3.05 14.46 -3.53
CA LEU B 413 -3.84 13.26 -3.13
C LEU B 413 -4.77 12.88 -4.27
N PRO B 414 -4.43 11.79 -5.02
CA PRO B 414 -5.23 11.37 -6.14
C PRO B 414 -6.67 11.08 -5.72
N ILE B 415 -6.87 10.51 -4.52
CA ILE B 415 -8.20 10.26 -4.02
C ILE B 415 -8.41 10.85 -2.62
N ASP B 416 -9.68 11.10 -2.32
CA ASP B 416 -10.08 11.31 -0.92
C ASP B 416 -9.73 10.03 -0.09
N PRO B 417 -8.84 10.14 0.94
CA PRO B 417 -8.57 8.85 1.63
C PRO B 417 -9.80 8.33 2.32
N ARG B 418 -10.72 9.21 2.69
CA ARG B 418 -11.95 8.77 3.37
C ARG B 418 -12.67 7.75 2.50
N ASP B 419 -12.58 7.90 1.18
CA ASP B 419 -13.30 7.03 0.23
C ASP B 419 -12.77 5.57 0.25
N VAL B 420 -11.58 5.38 0.86
CA VAL B 420 -11.04 4.03 1.15
C VAL B 420 -10.97 3.69 2.65
N GLY B 421 -11.69 4.48 3.46
CA GLY B 421 -11.79 4.32 4.90
C GLY B 421 -10.47 4.71 5.57
N ARG B 422 -9.62 5.48 4.86
CA ARG B 422 -8.32 5.94 5.39
C ARG B 422 -8.40 7.46 5.72
N THR B 423 -7.35 8.00 6.36
CA THR B 423 -7.34 9.40 6.75
C THR B 423 -6.08 10.10 6.20
N TYR B 424 -6.22 11.30 5.64
CA TYR B 424 -5.04 12.09 5.31
C TYR B 424 -4.27 12.42 6.60
N GLU B 425 -2.96 12.32 6.59
CA GLU B 425 -2.15 12.59 7.79
C GLU B 425 -0.92 13.42 7.46
N ALA B 426 -0.80 14.61 8.06
CA ALA B 426 0.45 15.40 7.96
C ALA B 426 1.39 14.90 9.04
N VAL B 427 2.57 14.48 8.66
CA VAL B 427 3.53 13.92 9.60
C VAL B 427 4.50 15.03 9.95
N ILE B 428 4.65 15.24 11.27
CA ILE B 428 5.43 16.33 11.80
C ILE B 428 6.60 15.71 12.49
N ARG B 429 7.77 16.17 12.11
CA ARG B 429 8.98 15.69 12.76
C ARG B 429 9.22 16.42 14.08
N VAL B 430 9.46 15.63 15.11
CA VAL B 430 9.81 16.18 16.40
C VAL B 430 11.36 16.24 16.63
N ASN B 431 11.88 17.47 16.68
CA ASN B 431 13.28 17.79 17.06
C ASN B 431 13.85 17.09 18.34
N LYS B 436 14.33 7.09 17.29
CA LYS B 436 14.77 8.14 18.21
C LYS B 436 13.66 9.18 18.38
N GLY B 437 12.84 9.43 17.34
CA GLY B 437 11.79 10.49 17.36
C GLY B 437 10.33 10.12 17.03
N GLY B 438 9.53 11.13 16.71
CA GLY B 438 8.12 10.95 16.27
C GLY B 438 7.15 11.11 17.42
N VAL B 439 5.94 11.56 17.13
CA VAL B 439 4.90 11.85 18.14
C VAL B 439 4.57 10.71 19.05
N ALA B 440 4.04 9.61 18.51
CA ALA B 440 3.76 8.39 19.25
C ALA B 440 4.87 8.04 20.18
N TYR B 441 6.09 8.03 19.62
CA TYR B 441 7.25 7.58 20.36
C TYR B 441 7.63 8.49 21.60
N ILE B 442 7.84 9.79 21.40
CA ILE B 442 8.05 10.71 22.52
C ILE B 442 6.85 10.80 23.53
N MET B 443 5.62 10.74 23.01
CA MET B 443 4.48 10.67 23.89
C MET B 443 4.50 9.47 24.85
N LYS B 444 4.78 8.26 24.35
CA LYS B 444 4.90 7.11 25.24
C LYS B 444 6.07 7.18 26.20
N THR B 445 7.27 7.30 25.64
CA THR B 445 8.51 7.44 26.38
C THR B 445 8.53 8.55 27.42
N ASP B 446 8.27 9.80 27.02
CA ASP B 446 8.43 10.92 27.95
C ASP B 446 7.16 11.27 28.70
N HIS B 447 6.01 10.73 28.28
CA HIS B 447 4.74 11.04 28.97
C HIS B 447 3.86 9.87 29.35
N GLY B 448 4.24 8.68 28.92
CA GLY B 448 3.49 7.49 29.28
C GLY B 448 2.15 7.32 28.59
N LEU B 449 1.92 8.06 27.51
CA LEU B 449 0.70 7.95 26.68
C LEU B 449 0.95 7.23 25.35
N SER B 450 0.17 6.17 25.16
CA SER B 450 0.06 5.43 23.91
C SER B 450 -1.17 5.96 23.17
N LEU B 451 -0.96 6.87 22.23
CA LEU B 451 -1.99 7.60 21.55
C LEU B 451 -2.59 6.71 20.46
N PRO B 452 -3.91 6.50 20.50
CA PRO B 452 -4.57 5.81 19.38
C PRO B 452 -4.18 6.44 18.01
N ARG B 453 -3.99 5.60 16.97
CA ARG B 453 -3.44 6.16 15.70
C ARG B 453 -4.16 7.39 15.15
N ARG B 454 -5.46 7.50 15.34
CA ARG B 454 -6.30 8.55 14.74
C ARG B 454 -6.24 9.71 15.67
N LEU B 455 -5.95 9.48 16.96
CA LEU B 455 -5.49 10.63 17.77
C LEU B 455 -4.07 11.19 17.36
N GLN B 456 -3.09 10.31 17.10
CA GLN B 456 -1.82 10.81 16.57
C GLN B 456 -2.12 11.61 15.29
N ILE B 457 -3.01 11.11 14.42
CA ILE B 457 -3.36 11.89 13.19
C ILE B 457 -3.92 13.29 13.46
N GLU B 458 -4.97 13.35 14.26
CA GLU B 458 -5.60 14.60 14.54
C GLU B 458 -4.69 15.65 15.18
N PHE B 459 -3.83 15.19 16.09
CA PHE B 459 -2.95 16.11 16.84
C PHE B 459 -1.75 16.56 16.01
N SER B 460 -1.24 15.69 15.13
CA SER B 460 -0.20 16.16 14.20
C SER B 460 -0.76 17.25 13.32
N GLN B 461 -2.07 17.25 13.10
CA GLN B 461 -2.74 18.26 12.26
C GLN B 461 -2.70 19.59 12.97
N VAL B 462 -2.68 19.52 14.31
CA VAL B 462 -2.65 20.67 15.21
C VAL B 462 -1.24 21.23 15.25
N ILE B 463 -0.25 20.41 15.52
CA ILE B 463 1.14 20.85 15.46
C ILE B 463 1.51 21.48 14.11
N GLN B 464 0.85 21.00 13.05
CA GLN B 464 1.09 21.42 11.67
C GLN B 464 0.80 22.90 11.52
N LYS B 465 -0.35 23.35 12.05
CA LYS B 465 -0.68 24.78 12.24
C LYS B 465 0.19 25.46 13.34
N VAL B 477 9.34 20.81 15.08
CA VAL B 477 8.92 21.06 16.48
C VAL B 477 9.74 20.27 17.55
N SER B 478 9.97 20.88 18.72
CA SER B 478 10.66 20.16 19.79
C SER B 478 9.70 19.34 20.69
N PRO B 479 10.25 18.29 21.38
CA PRO B 479 9.53 17.55 22.44
C PRO B 479 8.67 18.43 23.36
N LYS B 480 9.30 19.46 23.92
CA LYS B 480 8.62 20.43 24.80
C LYS B 480 7.51 21.17 24.07
N GLU B 481 7.73 21.54 22.81
CA GLU B 481 6.70 22.33 22.11
C GLU B 481 5.43 21.48 21.82
N MET B 482 5.67 20.23 21.44
CA MET B 482 4.64 19.23 21.17
C MET B 482 3.84 18.90 22.45
N TRP B 483 4.52 18.83 23.58
CA TRP B 483 3.84 18.46 24.80
C TRP B 483 2.97 19.58 25.31
N ASP B 484 3.57 20.76 25.37
CA ASP B 484 2.82 22.01 25.58
C ASP B 484 1.62 22.18 24.68
N ALA B 485 1.78 21.93 23.38
CA ALA B 485 0.63 21.97 22.45
C ALA B 485 -0.40 20.89 22.84
N PHE B 486 0.09 19.72 23.27
CA PHE B 486 -0.77 18.56 23.58
C PHE B 486 -1.62 18.92 24.79
N ALA B 487 -0.96 19.45 25.82
CA ALA B 487 -1.64 19.87 27.04
C ALA B 487 -2.62 21.01 26.72
N GLU B 488 -2.20 21.97 25.89
CA GLU B 488 -3.17 22.99 25.47
C GLU B 488 -4.45 22.39 24.87
N GLU B 489 -4.37 21.41 23.97
CA GLU B 489 -5.56 20.96 23.25
C GLU B 489 -6.45 20.08 24.10
N TYR B 490 -5.78 19.20 24.85
CA TYR B 490 -6.43 18.06 25.44
C TYR B 490 -6.63 18.07 26.95
N LEU B 491 -5.79 18.77 27.70
CA LEU B 491 -5.73 18.57 29.14
C LEU B 491 -6.19 19.79 29.92
N ALA B 492 -5.71 20.95 29.46
CA ALA B 492 -5.88 22.21 30.15
C ALA B 492 -7.25 22.84 30.00
N PRO B 493 -7.90 22.77 28.80
CA PRO B 493 -9.14 23.57 28.63
C PRO B 493 -10.26 23.25 29.63
N VAL B 494 -11.02 24.29 29.96
CA VAL B 494 -11.89 24.26 31.12
C VAL B 494 -13.21 25.01 30.68
N ARG B 495 -13.18 25.52 29.44
CA ARG B 495 -14.31 26.20 28.80
C ARG B 495 -14.51 25.58 27.40
N PRO B 496 -15.77 25.36 26.96
CA PRO B 496 -17.02 25.67 27.64
C PRO B 496 -17.32 24.71 28.80
N LEU B 497 -16.78 23.50 28.75
CA LEU B 497 -17.15 22.57 29.77
C LEU B 497 -16.03 22.30 30.77
N GLU B 498 -16.38 22.38 32.06
CA GLU B 498 -15.48 21.92 33.12
C GLU B 498 -16.23 20.95 34.03
N ARG B 499 -15.56 19.90 34.51
CA ARG B 499 -16.16 18.91 35.44
C ARG B 499 -15.49 19.06 36.82
N ILE B 500 -16.30 19.40 37.81
CA ILE B 500 -15.81 19.65 39.17
C ILE B 500 -15.77 18.38 40.03
N ARG B 501 -16.90 17.66 40.07
CA ARG B 501 -17.00 16.44 40.79
C ARG B 501 -18.27 15.79 40.27
N GLN B 502 -18.46 14.51 40.64
CA GLN B 502 -19.64 13.77 40.21
C GLN B 502 -19.98 12.64 41.15
N HIS B 503 -21.23 12.24 41.14
CA HIS B 503 -21.60 11.07 41.92
C HIS B 503 -22.08 9.95 41.00
N VAL B 504 -21.33 8.85 41.03
CA VAL B 504 -21.62 7.69 40.22
C VAL B 504 -22.35 6.66 41.07
N ASP B 505 -23.59 6.37 40.66
CA ASP B 505 -24.38 5.26 41.19
C ASP B 505 -24.39 4.10 40.16
N ALA B 506 -23.46 3.16 40.35
CA ALA B 506 -23.22 2.01 39.44
C ALA B 506 -24.18 0.96 39.93
N ALA B 507 -24.86 0.19 39.06
CA ALA B 507 -25.70 -0.89 39.65
C ALA B 507 -24.77 -1.98 40.12
N ASP B 508 -25.21 -2.66 41.15
CA ASP B 508 -24.39 -3.67 41.79
C ASP B 508 -24.42 -4.92 40.95
N ASP B 509 -25.54 -5.13 40.25
CA ASP B 509 -25.82 -6.31 39.49
C ASP B 509 -25.48 -6.08 38.07
N ASP B 510 -24.87 -7.11 37.47
CA ASP B 510 -24.35 -7.05 36.10
C ASP B 510 -25.54 -6.78 35.18
N GLY B 511 -25.28 -6.07 34.09
CA GLY B 511 -26.38 -5.79 33.20
C GLY B 511 -27.22 -4.64 33.69
N GLY B 512 -26.92 -4.14 34.89
CA GLY B 512 -27.75 -3.05 35.45
C GLY B 512 -27.38 -1.66 34.97
N THR B 513 -28.18 -0.69 35.39
CA THR B 513 -28.05 0.70 34.99
C THR B 513 -27.06 1.43 35.87
N THR B 514 -26.31 2.34 35.26
CA THR B 514 -25.50 3.31 35.96
C THR B 514 -26.07 4.70 35.81
N SER B 515 -26.17 5.41 36.91
CA SER B 515 -26.66 6.79 36.89
C SER B 515 -25.63 7.71 37.43
N ILE B 516 -25.69 8.99 37.02
CA ILE B 516 -24.64 9.92 37.42
C ILE B 516 -25.26 11.26 37.70
N THR B 517 -24.82 11.93 38.76
CA THR B 517 -25.06 13.35 38.89
CA THR B 517 -25.07 13.35 38.92
C THR B 517 -23.69 14.00 38.96
N ALA B 518 -23.52 15.06 38.19
CA ALA B 518 -22.25 15.74 38.17
C ALA B 518 -22.37 17.22 38.30
N THR B 519 -21.46 17.79 39.07
CA THR B 519 -21.31 19.22 39.15
C THR B 519 -20.39 19.64 38.03
N VAL B 520 -20.89 20.53 37.15
CA VAL B 520 -20.10 20.97 36.01
C VAL B 520 -20.23 22.45 35.91
N LYS B 521 -19.22 23.10 35.33
CA LYS B 521 -19.32 24.52 34.93
C LYS B 521 -19.45 24.57 33.42
N ILE B 522 -20.46 25.30 32.96
CA ILE B 522 -20.65 25.54 31.53
C ILE B 522 -20.40 27.03 31.23
N ASN B 523 -19.25 27.31 30.62
CA ASN B 523 -18.80 28.67 30.44
C ASN B 523 -18.71 29.42 31.77
N GLY B 524 -18.11 28.73 32.75
CA GLY B 524 -17.96 29.21 34.12
C GLY B 524 -19.20 29.16 35.03
N VAL B 525 -20.35 28.77 34.50
CA VAL B 525 -21.56 28.69 35.28
C VAL B 525 -21.81 27.27 35.89
N GLU B 526 -21.68 27.17 37.21
CA GLU B 526 -21.97 25.94 37.95
C GLU B 526 -23.41 25.48 37.70
N THR B 527 -23.57 24.21 37.33
CA THR B 527 -24.85 23.59 36.93
C THR B 527 -24.85 22.15 37.45
N GLU B 528 -26.04 21.55 37.51
CA GLU B 528 -26.12 20.16 37.89
C GLU B 528 -26.69 19.32 36.78
N ILE B 529 -25.95 18.30 36.38
CA ILE B 529 -26.33 17.42 35.28
C ILE B 529 -26.60 16.01 35.78
N SER B 530 -27.53 15.33 35.07
CA SER B 530 -27.96 13.96 35.41
C SER B 530 -28.25 13.12 34.18
N GLY B 531 -27.86 11.86 34.21
CA GLY B 531 -28.20 10.90 33.14
C GLY B 531 -27.91 9.49 33.65
N SER B 532 -28.32 8.52 32.83
CA SER B 532 -28.26 7.09 33.11
C SER B 532 -27.84 6.45 31.84
N GLY B 533 -27.37 5.19 31.90
CA GLY B 533 -26.84 4.45 30.78
C GLY B 533 -26.42 3.09 31.26
N ASN B 534 -25.93 2.24 30.36
CA ASN B 534 -25.47 0.89 30.73
C ASN B 534 -24.10 0.87 31.47
N GLY B 535 -23.39 1.99 31.43
CA GLY B 535 -22.11 2.17 32.18
C GLY B 535 -21.97 3.67 32.44
N PRO B 536 -20.93 4.07 33.16
CA PRO B 536 -20.62 5.41 33.60
C PRO B 536 -20.36 6.43 32.50
N LEU B 537 -19.64 6.00 31.46
CA LEU B 537 -19.44 6.86 30.24
C LEU B 537 -20.79 7.11 29.55
N ALA B 538 -21.56 6.07 29.29
CA ALA B 538 -22.92 6.23 28.68
C ALA B 538 -23.79 7.27 29.48
N ALA B 539 -23.75 7.14 30.83
CA ALA B 539 -24.52 7.98 31.76
C ALA B 539 -24.10 9.40 31.66
N PHE B 540 -22.79 9.62 31.61
CA PHE B 540 -22.22 10.96 31.62
C PHE B 540 -22.50 11.60 30.27
N VAL B 541 -22.41 10.81 29.21
CA VAL B 541 -22.86 11.26 27.85
C VAL B 541 -24.36 11.72 27.83
N HIS B 542 -25.23 10.99 28.52
CA HIS B 542 -26.65 11.35 28.50
C HIS B 542 -26.91 12.54 29.41
N ALA B 543 -26.20 12.62 30.54
CA ALA B 543 -26.18 13.81 31.38
C ALA B 543 -25.83 15.11 30.63
N LEU B 544 -24.75 15.10 29.80
CA LEU B 544 -24.35 16.27 28.97
C LEU B 544 -25.30 16.62 27.80
N ALA B 545 -26.00 15.65 27.23
CA ALA B 545 -26.97 15.92 26.20
C ALA B 545 -28.03 16.86 26.69
N ASP B 546 -28.33 16.86 27.98
CA ASP B 546 -29.45 17.68 28.49
C ASP B 546 -28.98 19.12 28.63
N VAL B 547 -27.69 19.32 28.45
CA VAL B 547 -27.18 20.66 28.58
C VAL B 547 -26.50 21.14 27.29
N GLY B 548 -26.85 20.51 26.17
CA GLY B 548 -26.52 21.07 24.86
C GLY B 548 -25.20 20.61 24.27
N PHE B 549 -24.66 19.51 24.81
CA PHE B 549 -23.47 18.88 24.24
C PHE B 549 -23.86 17.49 23.80
N ASP B 550 -23.93 17.23 22.50
CA ASP B 550 -24.25 15.88 22.03
C ASP B 550 -22.96 15.12 21.69
N VAL B 551 -22.60 14.10 22.45
CA VAL B 551 -21.35 13.45 22.22
C VAL B 551 -21.65 12.09 21.63
N ALA B 552 -21.51 11.91 20.31
CA ALA B 552 -21.76 10.57 19.72
C ALA B 552 -20.42 9.82 19.65
N VAL B 553 -20.32 8.80 20.52
CA VAL B 553 -19.09 8.19 20.84
C VAL B 553 -18.84 7.16 19.78
N LEU B 554 -17.67 7.28 19.16
CA LEU B 554 -17.15 6.46 18.07
C LEU B 554 -16.20 5.34 18.57
N ASP B 555 -15.36 5.66 19.54
CA ASP B 555 -14.35 4.74 20.01
C ASP B 555 -13.85 5.20 21.36
N TYR B 556 -13.26 4.25 22.08
CA TYR B 556 -12.74 4.42 23.43
C TYR B 556 -11.57 3.45 23.74
N TYR B 557 -10.49 3.98 24.33
CA TYR B 557 -9.27 3.20 24.72
C TYR B 557 -8.83 3.60 26.09
N GLU B 558 -8.19 2.68 26.81
CA GLU B 558 -7.61 3.10 28.12
C GLU B 558 -6.46 2.13 28.42
N HIS B 559 -5.49 2.58 29.24
CA HIS B 559 -4.32 1.75 29.62
C HIS B 559 -3.75 2.38 30.86
N ALA B 560 -3.04 1.57 31.62
CA ALA B 560 -2.25 2.05 32.76
C ALA B 560 -1.06 2.84 32.28
N MET B 561 -0.68 3.81 33.09
CA MET B 561 0.60 4.48 32.92
C MET B 561 1.80 3.90 33.64
N SER B 562 1.58 2.78 34.32
CA SER B 562 2.64 2.08 35.02
C SER B 562 2.06 0.71 35.44
N ALA B 563 2.86 -0.11 36.10
CA ALA B 563 2.40 -1.30 36.80
C ALA B 563 1.75 -0.89 38.13
N GLY B 564 1.12 -1.86 38.77
CA GLY B 564 0.62 -1.72 40.14
C GLY B 564 -0.87 -1.42 40.09
N ASP B 565 -1.61 -1.99 41.03
CA ASP B 565 -3.06 -1.71 41.11
C ASP B 565 -3.44 -0.19 41.23
N ASP B 566 -2.51 0.61 41.76
CA ASP B 566 -2.71 2.05 41.95
C ASP B 566 -2.09 2.94 40.84
N ALA B 567 -1.75 2.36 39.70
CA ALA B 567 -1.36 3.21 38.53
C ALA B 567 -2.45 4.23 38.12
N GLN B 568 -2.00 5.32 37.51
CA GLN B 568 -2.85 6.21 36.73
C GLN B 568 -3.33 5.50 35.48
N ALA B 569 -4.57 5.80 35.10
CA ALA B 569 -5.23 5.28 33.89
C ALA B 569 -5.28 6.46 32.91
N ALA B 570 -4.85 6.25 31.65
CA ALA B 570 -5.05 7.27 30.59
C ALA B 570 -6.14 6.75 29.65
N ALA B 571 -7.16 7.56 29.41
CA ALA B 571 -8.33 7.16 28.63
C ALA B 571 -8.35 8.10 27.50
N TYR B 572 -8.91 7.61 26.40
CA TYR B 572 -8.97 8.30 25.07
C TYR B 572 -10.37 7.99 24.52
N VAL B 573 -11.08 9.03 24.11
CA VAL B 573 -12.44 8.93 23.61
C VAL B 573 -12.55 9.68 22.24
N GLU B 574 -12.97 8.96 21.22
CA GLU B 574 -13.35 9.54 19.92
C GLU B 574 -14.89 9.78 19.82
N ALA B 575 -15.31 10.94 19.34
CA ALA B 575 -16.72 11.28 19.44
C ALA B 575 -17.02 12.22 18.30
N SER B 576 -18.20 12.12 17.70
CA SER B 576 -18.64 13.22 16.84
C SER B 576 -19.52 14.18 17.72
N VAL B 577 -19.01 15.38 18.01
CA VAL B 577 -19.57 16.26 18.99
C VAL B 577 -20.30 17.51 18.40
N THR B 578 -21.44 17.80 19.00
CA THR B 578 -22.35 18.86 18.53
C THR B 578 -22.64 19.73 19.79
N ILE B 579 -22.49 21.04 19.60
CA ILE B 579 -22.71 22.03 20.65
C ILE B 579 -23.83 23.06 20.22
N ALA B 580 -24.77 23.27 21.15
CA ALA B 580 -25.86 24.27 21.02
C ALA B 580 -25.30 25.70 20.83
N THR B 616 -23.32 22.62 13.87
CA THR B 616 -22.63 21.57 13.07
C THR B 616 -21.80 20.61 13.94
N SER B 617 -21.54 19.39 13.46
CA SER B 617 -20.80 18.39 14.29
C SER B 617 -19.39 17.93 13.81
N LYS B 618 -18.38 18.15 14.67
CA LYS B 618 -16.99 17.73 14.45
C LYS B 618 -16.58 16.41 15.22
N THR B 619 -15.85 15.55 14.50
CA THR B 619 -15.13 14.41 15.08
C THR B 619 -13.78 14.85 15.71
N VAL B 620 -13.69 14.63 17.03
CA VAL B 620 -12.51 14.95 17.78
C VAL B 620 -12.20 13.86 18.85
N TRP B 621 -10.96 13.89 19.35
CA TRP B 621 -10.52 13.05 20.46
C TRP B 621 -10.44 13.78 21.78
N GLY B 622 -10.67 12.98 22.81
CA GLY B 622 -10.61 13.47 24.14
C GLY B 622 -9.60 12.62 24.84
N VAL B 623 -8.79 13.27 25.67
CA VAL B 623 -7.89 12.55 26.56
C VAL B 623 -8.13 12.87 28.05
N GLY B 624 -8.20 11.83 28.88
CA GLY B 624 -8.29 11.99 30.33
C GLY B 624 -7.33 11.10 31.09
N ILE B 625 -6.78 11.63 32.20
CA ILE B 625 -5.79 10.87 33.03
C ILE B 625 -6.25 10.93 34.49
N ALA B 626 -6.37 9.79 35.16
CA ALA B 626 -6.77 9.83 36.57
C ALA B 626 -6.38 8.57 37.26
N PRO B 627 -6.33 8.63 38.60
CA PRO B 627 -6.11 7.46 39.41
C PRO B 627 -7.17 6.35 39.31
N SER B 628 -8.38 6.76 39.01
CA SER B 628 -9.52 5.89 38.85
C SER B 628 -9.70 5.62 37.35
N ILE B 629 -9.78 4.35 36.98
CA ILE B 629 -10.22 3.99 35.62
C ILE B 629 -11.55 4.63 35.23
N THR B 630 -12.50 4.71 36.15
CA THR B 630 -13.81 5.24 35.83
C THR B 630 -13.69 6.67 35.52
N THR B 631 -13.17 7.44 36.48
CA THR B 631 -12.92 8.87 36.28
C THR B 631 -12.05 9.22 35.05
N ALA B 632 -10.97 8.49 34.78
CA ALA B 632 -10.12 8.84 33.62
C ALA B 632 -11.01 8.94 32.34
N SER B 633 -11.94 7.98 32.19
CA SER B 633 -12.91 7.90 31.12
C SER B 633 -13.80 9.15 31.04
N LEU B 634 -14.26 9.68 32.17
CA LEU B 634 -15.12 10.89 32.20
C LEU B 634 -14.36 12.17 31.86
N ARG B 635 -13.12 12.30 32.37
CA ARG B 635 -12.21 13.32 31.89
C ARG B 635 -11.99 13.35 30.40
N ALA B 636 -11.74 12.19 29.80
CA ALA B 636 -11.62 12.08 28.31
C ALA B 636 -12.83 12.70 27.56
N VAL B 637 -14.03 12.41 28.07
CA VAL B 637 -15.25 12.94 27.54
C VAL B 637 -15.30 14.48 27.59
N VAL B 638 -14.90 15.05 28.73
CA VAL B 638 -14.83 16.53 28.91
C VAL B 638 -13.79 17.09 27.93
N SER B 639 -12.61 16.47 27.92
CA SER B 639 -11.55 16.72 26.97
C SER B 639 -12.06 16.76 25.51
N ALA B 640 -12.76 15.72 25.13
CA ALA B 640 -13.35 15.65 23.81
C ALA B 640 -14.28 16.84 23.53
N VAL B 641 -15.20 17.12 24.46
CA VAL B 641 -16.17 18.19 24.28
C VAL B 641 -15.48 19.53 24.01
N ASN B 642 -14.43 19.82 24.80
CA ASN B 642 -13.72 21.10 24.69
C ASN B 642 -12.80 21.18 23.50
N ARG B 643 -12.28 20.04 23.05
CA ARG B 643 -11.54 19.98 21.79
C ARG B 643 -12.43 20.35 20.58
N ALA B 644 -13.71 19.97 20.65
CA ALA B 644 -14.63 20.24 19.54
C ALA B 644 -14.94 21.74 19.44
N ALA B 645 -14.67 22.50 20.50
CA ALA B 645 -14.93 23.93 20.57
C ALA B 645 -13.67 24.79 20.29
N ARG B 646 -12.52 24.16 20.00
CA ARG B 646 -11.25 24.86 19.67
C ARG B 646 -11.15 24.98 18.15
#